data_3LQF
#
_entry.id   3LQF
#
_cell.length_a   63.863
_cell.length_b   113.838
_cell.length_c   123.234
_cell.angle_alpha   90.00
_cell.angle_beta   90.00
_cell.angle_gamma   90.00
#
_symmetry.space_group_name_H-M   'P 21 21 21'
#
loop_
_entity.id
_entity.type
_entity.pdbx_description
1 polymer 'Galactitol dehydrogenase'
2 non-polymer 'MAGNESIUM ION'
3 non-polymer NICOTINAMIDE-ADENINE-DINUCLEOTIDE
4 non-polymer MESO-ERYTHRITOL
5 water water
#
_entity_poly.entity_id   1
_entity_poly.type   'polypeptide(L)'
_entity_poly.pdbx_seq_one_letter_code
;MDYRTVFRLDGACAAVTGAGSGIGLEICRAFAASGARLILIDREAAALDRAAQELGAAVAARIVADVTDAEAMTAAAAEA
EAVAPVSILVNSAGIARLHDALETDDATWRQVMAVNVDGMFWASRAFGRAMVARGAGAIVNLGSMSGTIVNRPQFASSYM
ASKGAVHQLTRALAAEWAGRGVRVNALAPGYVATEMTLKMRERPELFETWLDMTPMGRCGEPSEIAAAALFLASPAASYV
TGAILAVDGGYTVW
;
_entity_poly.pdbx_strand_id   A,B,C,D
#
# COMPACT_ATOMS: atom_id res chain seq x y z
N MET A 1 29.57 -9.67 -6.78
CA MET A 1 29.35 -10.97 -6.08
C MET A 1 29.42 -12.15 -7.07
N ASP A 2 29.48 -13.37 -6.55
CA ASP A 2 29.36 -14.56 -7.41
C ASP A 2 27.89 -14.99 -7.49
N TYR A 3 27.26 -14.73 -8.62
CA TYR A 3 25.83 -14.99 -8.82
C TYR A 3 25.48 -16.47 -8.87
N ARG A 4 26.46 -17.27 -9.28
CA ARG A 4 26.32 -18.72 -9.33
C ARG A 4 26.05 -19.34 -7.96
N THR A 5 26.45 -18.65 -6.89
CA THR A 5 26.30 -19.18 -5.53
C THR A 5 25.53 -18.28 -4.55
N VAL A 6 25.09 -17.11 -5.02
CA VAL A 6 24.46 -16.12 -4.14
C VAL A 6 23.13 -16.58 -3.50
N PHE A 7 22.45 -17.55 -4.14
CA PHE A 7 21.21 -18.08 -3.58
C PHE A 7 21.42 -19.28 -2.62
N ARG A 8 22.68 -19.65 -2.39
CA ARG A 8 23.00 -20.81 -1.54
C ARG A 8 23.02 -20.46 -0.03
N LEU A 9 22.83 -21.50 0.79
CA LEU A 9 22.79 -21.36 2.26
C LEU A 9 23.86 -22.22 2.94
N ASP A 10 24.90 -22.58 2.20
CA ASP A 10 25.96 -23.46 2.74
C ASP A 10 26.56 -22.88 4.01
N GLY A 11 26.72 -23.71 5.04
CA GLY A 11 27.23 -23.23 6.32
C GLY A 11 26.15 -22.74 7.27
N ALA A 12 24.96 -22.43 6.75
CA ALA A 12 23.91 -21.86 7.59
C ALA A 12 23.08 -22.91 8.33
N CYS A 13 22.47 -22.51 9.44
CA CYS A 13 21.46 -23.31 10.15
C CYS A 13 20.17 -22.53 10.25
N ALA A 14 19.08 -23.08 9.70
CA ALA A 14 17.76 -22.45 9.74
C ALA A 14 16.78 -23.17 10.69
N ALA A 15 16.10 -22.41 11.55
CA ALA A 15 15.03 -22.94 12.35
C ALA A 15 13.73 -22.66 11.57
N VAL A 16 12.88 -23.67 11.46
CA VAL A 16 11.60 -23.52 10.71
C VAL A 16 10.50 -24.03 11.61
N THR A 17 9.58 -23.14 11.92
CA THR A 17 8.36 -23.48 12.64
C THR A 17 7.30 -23.94 11.62
N GLY A 18 6.46 -24.90 12.00
CA GLY A 18 5.52 -25.49 11.04
C GLY A 18 6.21 -26.44 10.07
N ALA A 19 7.37 -26.97 10.49
CA ALA A 19 8.20 -27.79 9.62
C ALA A 19 7.58 -29.13 9.20
N GLY A 20 6.52 -29.54 9.89
CA GLY A 20 5.96 -30.88 9.73
C GLY A 20 5.06 -31.06 8.51
N SER A 21 4.65 -29.95 7.90
CA SER A 21 3.65 -30.02 6.85
C SER A 21 3.71 -28.83 5.92
N GLY A 22 3.16 -29.00 4.72
CA GLY A 22 2.84 -27.90 3.83
C GLY A 22 4.00 -27.06 3.37
N ILE A 23 3.85 -25.74 3.54
CA ILE A 23 4.83 -24.76 3.07
C ILE A 23 6.13 -24.88 3.89
N GLY A 24 5.95 -25.05 5.20
CA GLY A 24 7.08 -25.21 6.13
C GLY A 24 7.98 -26.37 5.71
N LEU A 25 7.37 -27.51 5.43
CA LEU A 25 8.12 -28.71 5.07
C LEU A 25 8.78 -28.53 3.71
N GLU A 26 8.07 -27.89 2.79
CA GLU A 26 8.66 -27.63 1.51
C GLU A 26 9.84 -26.66 1.61
N ILE A 27 9.71 -25.66 2.45
CA ILE A 27 10.82 -24.73 2.72
C ILE A 27 12.01 -25.47 3.32
N CYS A 28 11.74 -26.39 4.24
CA CYS A 28 12.82 -27.26 4.73
C CYS A 28 13.50 -28.02 3.58
N ARG A 29 12.72 -28.55 2.63
CA ARG A 29 13.33 -29.27 1.49
C ARG A 29 14.22 -28.33 0.68
N ALA A 30 13.72 -27.10 0.45
CA ALA A 30 14.44 -26.10 -0.31
C ALA A 30 15.73 -25.69 0.40
N PHE A 31 15.68 -25.50 1.70
CA PHE A 31 16.87 -25.04 2.45
C PHE A 31 17.93 -26.14 2.54
N ALA A 32 17.48 -27.37 2.75
CA ALA A 32 18.39 -28.52 2.79
C ALA A 32 19.09 -28.67 1.45
N ALA A 33 18.33 -28.59 0.36
CA ALA A 33 18.89 -28.66 -1.00
C ALA A 33 19.93 -27.58 -1.25
N SER A 34 19.81 -26.47 -0.53
CA SER A 34 20.66 -25.31 -0.72
C SER A 34 21.83 -25.24 0.25
N GLY A 35 22.01 -26.28 1.06
CA GLY A 35 23.20 -26.40 1.92
C GLY A 35 23.01 -26.09 3.39
N ALA A 36 21.79 -25.76 3.80
CA ALA A 36 21.51 -25.44 5.20
C ALA A 36 21.33 -26.65 6.09
N ARG A 37 21.72 -26.52 7.35
CA ARG A 37 21.27 -27.46 8.36
C ARG A 37 19.98 -26.92 8.92
N LEU A 38 19.18 -27.79 9.52
CA LEU A 38 17.82 -27.46 9.95
C LEU A 38 17.47 -27.76 11.40
N ILE A 39 16.74 -26.83 12.01
CA ILE A 39 16.06 -27.08 13.27
C ILE A 39 14.58 -27.14 12.93
N LEU A 40 13.98 -28.31 13.11
CA LEU A 40 12.57 -28.49 12.82
C LEU A 40 11.75 -28.27 14.08
N ILE A 41 10.76 -27.38 14.00
CA ILE A 41 9.83 -27.06 15.10
C ILE A 41 8.41 -27.30 14.59
N ASP A 42 7.63 -28.06 15.34
CA ASP A 42 6.22 -28.33 15.02
C ASP A 42 5.60 -28.88 16.29
N ARG A 43 4.30 -28.64 16.47
CA ARG A 43 3.59 -29.17 17.63
C ARG A 43 3.26 -30.64 17.49
N GLU A 44 3.38 -31.17 16.28
CA GLU A 44 3.02 -32.56 15.96
C GLU A 44 4.25 -33.44 15.90
N ALA A 45 4.47 -34.21 16.96
CA ALA A 45 5.65 -35.05 17.09
C ALA A 45 5.76 -36.01 15.92
N ALA A 46 4.65 -36.69 15.57
CA ALA A 46 4.64 -37.66 14.50
C ALA A 46 4.96 -37.04 13.13
N ALA A 47 4.36 -35.89 12.84
CA ALA A 47 4.66 -35.13 11.62
C ALA A 47 6.14 -34.73 11.50
N LEU A 48 6.71 -34.28 12.62
CA LEU A 48 8.14 -33.95 12.71
C LEU A 48 9.07 -35.12 12.45
N ASP A 49 8.70 -36.29 12.96
CA ASP A 49 9.47 -37.51 12.69
C ASP A 49 9.48 -37.85 11.21
N ARG A 50 8.31 -37.73 10.57
CA ARG A 50 8.23 -38.02 9.14
C ARG A 50 9.10 -37.06 8.36
N ALA A 51 9.02 -35.78 8.72
CA ALA A 51 9.85 -34.73 8.14
C ALA A 51 11.32 -35.04 8.31
N ALA A 52 11.70 -35.38 9.55
CA ALA A 52 13.10 -35.63 9.87
C ALA A 52 13.63 -36.81 9.07
N GLN A 53 12.79 -37.83 8.93
CA GLN A 53 13.14 -39.02 8.19
C GLN A 53 13.44 -38.63 6.74
N GLU A 54 12.53 -37.88 6.15
CA GLU A 54 12.67 -37.46 4.76
C GLU A 54 13.88 -36.55 4.54
N LEU A 55 14.12 -35.63 5.46
CA LEU A 55 15.17 -34.61 5.32
C LEU A 55 16.57 -35.11 5.70
N GLY A 56 16.63 -36.19 6.46
CA GLY A 56 17.91 -36.91 6.67
C GLY A 56 18.98 -36.13 7.42
N ALA A 57 20.18 -36.12 6.86
CA ALA A 57 21.37 -35.57 7.52
C ALA A 57 21.30 -34.03 7.72
N ALA A 58 20.43 -33.38 6.95
CA ALA A 58 20.29 -31.93 7.03
C ALA A 58 19.73 -31.49 8.40
N VAL A 59 19.06 -32.40 9.10
CA VAL A 59 18.42 -32.09 10.38
C VAL A 59 19.41 -32.09 11.56
N ALA A 60 19.64 -30.89 12.10
CA ALA A 60 20.47 -30.76 13.30
C ALA A 60 19.68 -31.12 14.56
N ALA A 61 18.44 -30.67 14.65
CA ALA A 61 17.58 -30.95 15.78
C ALA A 61 16.12 -30.91 15.34
N ARG A 62 15.28 -31.55 16.12
CA ARG A 62 13.84 -31.49 15.96
C ARG A 62 13.28 -31.17 17.32
N ILE A 63 12.41 -30.17 17.37
CA ILE A 63 11.84 -29.71 18.63
C ILE A 63 10.33 -29.76 18.55
N VAL A 64 9.75 -30.61 19.41
CA VAL A 64 8.31 -30.69 19.53
C VAL A 64 7.86 -29.57 20.46
N ALA A 65 7.10 -28.60 19.93
CA ALA A 65 6.81 -27.38 20.68
C ALA A 65 5.66 -26.60 20.04
N ASP A 66 4.91 -25.91 20.88
CA ASP A 66 3.83 -25.08 20.41
C ASP A 66 4.33 -23.64 20.38
N VAL A 67 4.31 -23.01 19.20
CA VAL A 67 4.75 -21.61 19.10
C VAL A 67 4.02 -20.65 20.05
N THR A 68 2.81 -21.02 20.50
CA THR A 68 2.07 -20.17 21.46
C THR A 68 2.62 -20.30 22.86
N ASP A 69 3.47 -21.30 23.09
CA ASP A 69 4.13 -21.48 24.38
C ASP A 69 5.44 -20.69 24.34
N ALA A 70 5.43 -19.48 24.88
CA ALA A 70 6.58 -18.60 24.75
C ALA A 70 7.80 -19.20 25.45
N GLU A 71 7.56 -19.81 26.61
CA GLU A 71 8.64 -20.49 27.33
C GLU A 71 9.27 -21.61 26.48
N ALA A 72 8.44 -22.32 25.72
CA ALA A 72 8.97 -23.37 24.86
C ALA A 72 9.81 -22.85 23.70
N MET A 73 9.44 -21.68 23.17
CA MET A 73 10.22 -21.07 22.09
C MET A 73 11.55 -20.63 22.64
N THR A 74 11.51 -20.08 23.84
CA THR A 74 12.75 -19.66 24.55
C THR A 74 13.70 -20.85 24.75
N ALA A 75 13.18 -21.96 25.28
CA ALA A 75 13.99 -23.20 25.45
C ALA A 75 14.45 -23.78 24.12
N ALA A 76 13.56 -23.73 23.11
CA ALA A 76 13.89 -24.24 21.81
C ALA A 76 15.09 -23.47 21.23
N ALA A 77 15.11 -22.15 21.40
CA ALA A 77 16.22 -21.35 20.88
C ALA A 77 17.52 -21.67 21.64
N ALA A 78 17.41 -21.86 22.95
CA ALA A 78 18.58 -22.24 23.76
C ALA A 78 19.08 -23.62 23.35
N GLU A 79 18.15 -24.56 23.13
CA GLU A 79 18.52 -25.91 22.69
C GLU A 79 19.24 -25.87 21.34
N ALA A 80 18.68 -25.09 20.40
CA ALA A 80 19.26 -25.00 19.07
C ALA A 80 20.63 -24.37 19.07
N GLU A 81 20.80 -23.32 19.86
CA GLU A 81 22.06 -22.62 19.98
C GLU A 81 23.18 -23.47 20.59
N ALA A 82 22.80 -24.39 21.48
CA ALA A 82 23.79 -25.28 22.11
C ALA A 82 24.30 -26.27 21.07
N VAL A 83 23.49 -26.49 20.05
CA VAL A 83 23.73 -27.41 18.95
C VAL A 83 24.39 -26.73 17.74
N ALA A 84 23.95 -25.52 17.37
CA ALA A 84 24.54 -24.73 16.28
C ALA A 84 24.06 -23.28 16.31
N PRO A 85 24.91 -22.31 15.88
CA PRO A 85 24.32 -20.96 15.77
C PRO A 85 23.20 -20.99 14.71
N VAL A 86 22.03 -20.48 15.07
CA VAL A 86 20.90 -20.37 14.13
C VAL A 86 20.98 -18.99 13.46
N SER A 87 21.14 -18.98 12.14
CA SER A 87 21.31 -17.69 11.45
C SER A 87 20.10 -17.32 10.59
N ILE A 88 19.17 -18.27 10.50
CA ILE A 88 17.96 -18.09 9.69
C ILE A 88 16.76 -18.59 10.50
N LEU A 89 15.67 -17.82 10.49
CA LEU A 89 14.43 -18.32 11.07
C LEU A 89 13.31 -18.15 10.06
N VAL A 90 12.50 -19.20 9.91
CA VAL A 90 11.26 -19.13 9.10
C VAL A 90 10.07 -19.44 9.99
N ASN A 91 9.18 -18.45 10.09
CA ASN A 91 7.96 -18.58 10.87
C ASN A 91 6.84 -19.03 9.94
N SER A 92 6.63 -20.33 9.83
CA SER A 92 5.60 -20.87 8.93
C SER A 92 4.45 -21.57 9.68
N ALA A 93 4.44 -21.51 11.00
CA ALA A 93 3.41 -22.16 11.80
C ALA A 93 2.24 -21.21 11.71
N GLY A 94 1.06 -21.72 11.45
CA GLY A 94 -0.04 -20.80 11.25
C GLY A 94 -1.30 -21.56 10.98
N ILE A 95 -2.42 -20.97 11.36
CA ILE A 95 -3.70 -21.64 11.18
C ILE A 95 -4.73 -20.69 10.58
N ALA A 96 -5.75 -21.27 9.96
CA ALA A 96 -6.92 -20.52 9.49
C ALA A 96 -8.18 -21.20 10.03
N ARG A 97 -9.08 -20.41 10.63
CA ARG A 97 -10.40 -20.89 11.03
C ARG A 97 -11.48 -20.03 10.36
N LEU A 98 -12.44 -20.68 9.72
CA LEU A 98 -13.59 -19.96 9.13
C LEU A 98 -14.61 -19.64 10.19
N HIS A 99 -15.04 -18.38 10.24
CA HIS A 99 -16.07 -17.90 11.19
C HIS A 99 -16.71 -16.59 10.74
N ASP A 100 -18.03 -16.49 10.91
CA ASP A 100 -18.73 -15.25 10.64
C ASP A 100 -18.57 -14.38 11.86
N ALA A 101 -18.29 -13.08 11.64
CA ALA A 101 -17.98 -12.16 12.74
C ALA A 101 -18.98 -12.21 13.89
N LEU A 102 -20.26 -12.18 13.54
CA LEU A 102 -21.29 -12.12 14.56
C LEU A 102 -21.45 -13.43 15.35
N GLU A 103 -21.02 -14.54 14.75
CA GLU A 103 -21.13 -15.87 15.34
C GLU A 103 -19.76 -16.40 15.79
N THR A 104 -18.84 -15.49 16.09
CA THR A 104 -17.48 -15.86 16.46
C THR A 104 -17.40 -16.17 17.95
N ASP A 105 -16.92 -17.36 18.31
CA ASP A 105 -16.62 -17.55 19.72
C ASP A 105 -15.26 -16.96 20.07
N ASP A 106 -15.20 -16.34 21.24
CA ASP A 106 -14.01 -15.66 21.73
C ASP A 106 -12.76 -16.50 21.56
N ALA A 107 -12.90 -17.82 21.73
CA ALA A 107 -11.72 -18.70 21.70
C ALA A 107 -11.13 -18.88 20.30
N THR A 108 -11.98 -18.88 19.27
CA THR A 108 -11.51 -18.91 17.89
C THR A 108 -10.63 -17.71 17.57
N TRP A 109 -11.11 -16.51 17.89
CA TRP A 109 -10.36 -15.27 17.65
C TRP A 109 -9.01 -15.29 18.38
N ARG A 110 -9.05 -15.70 19.65
CA ARG A 110 -7.86 -15.77 20.51
C ARG A 110 -6.83 -16.71 19.92
N GLN A 111 -7.26 -17.89 19.50
CA GLN A 111 -6.33 -18.92 19.09
C GLN A 111 -5.63 -18.60 17.76
N VAL A 112 -6.39 -18.04 16.82
CA VAL A 112 -5.81 -17.57 15.55
C VAL A 112 -4.77 -16.47 15.80
N MET A 113 -5.11 -15.48 16.63
CA MET A 113 -4.17 -14.40 16.96
C MET A 113 -2.94 -14.96 17.71
N ALA A 114 -3.17 -15.89 18.63
CA ALA A 114 -2.08 -16.51 19.41
C ALA A 114 -1.07 -17.24 18.54
N VAL A 115 -1.55 -18.09 17.63
CA VAL A 115 -0.66 -18.87 16.77
C VAL A 115 0.03 -17.98 15.71
N ASN A 116 -0.80 -17.24 14.98
CA ASN A 116 -0.32 -16.47 13.84
C ASN A 116 0.54 -15.24 14.15
N VAL A 117 0.28 -14.56 15.28
CA VAL A 117 0.96 -13.31 15.64
C VAL A 117 1.85 -13.51 16.84
N ASP A 118 1.23 -13.90 17.96
CA ASP A 118 1.96 -14.03 19.22
C ASP A 118 3.09 -15.03 19.09
N GLY A 119 2.78 -16.20 18.55
CA GLY A 119 3.77 -17.27 18.34
C GLY A 119 4.90 -16.85 17.42
N MET A 120 4.58 -16.12 16.34
CA MET A 120 5.60 -15.52 15.48
C MET A 120 6.50 -14.57 16.28
N PHE A 121 5.92 -13.77 17.17
CA PHE A 121 6.75 -12.93 18.04
C PHE A 121 7.57 -13.77 19.04
N TRP A 122 6.96 -14.73 19.72
CA TRP A 122 7.74 -15.55 20.69
C TRP A 122 8.95 -16.19 20.01
N ALA A 123 8.73 -16.78 18.83
CA ALA A 123 9.81 -17.44 18.08
C ALA A 123 10.87 -16.46 17.57
N SER A 124 10.43 -15.28 17.11
CA SER A 124 11.35 -14.24 16.62
C SER A 124 12.20 -13.67 17.73
N ARG A 125 11.59 -13.41 18.88
CA ARG A 125 12.32 -12.91 20.02
C ARG A 125 13.34 -13.96 20.47
N ALA A 126 12.90 -15.20 20.50
CA ALA A 126 13.72 -16.29 21.04
C ALA A 126 14.94 -16.55 20.16
N PHE A 127 14.72 -16.78 18.86
CA PHE A 127 15.79 -17.12 17.93
C PHE A 127 16.55 -15.90 17.47
N GLY A 128 15.86 -14.76 17.49
CA GLY A 128 16.46 -13.47 17.10
C GLY A 128 17.53 -13.01 18.06
N ARG A 129 17.42 -13.41 19.32
CA ARG A 129 18.32 -12.90 20.34
C ARG A 129 19.80 -13.14 19.97
N ALA A 130 20.13 -14.36 19.62
CA ALA A 130 21.51 -14.69 19.30
C ALA A 130 21.94 -14.13 17.95
N MET A 131 20.99 -14.00 17.01
CA MET A 131 21.31 -13.39 15.71
C MET A 131 21.72 -11.94 15.93
N VAL A 132 20.95 -11.26 16.78
CA VAL A 132 21.27 -9.87 17.09
C VAL A 132 22.61 -9.77 17.84
N ALA A 133 22.88 -10.72 18.75
CA ALA A 133 24.18 -10.76 19.47
C ALA A 133 25.33 -10.90 18.50
N ARG A 134 25.15 -11.78 17.52
CA ARG A 134 26.16 -12.06 16.51
C ARG A 134 26.31 -10.97 15.47
N GLY A 135 25.28 -10.14 15.32
CA GLY A 135 25.32 -9.12 14.28
C GLY A 135 24.95 -9.61 12.88
N ALA A 136 24.18 -10.69 12.78
CA ALA A 136 23.87 -11.31 11.48
C ALA A 136 22.68 -12.25 11.61
N GLY A 137 21.74 -12.14 10.68
CA GLY A 137 20.65 -13.10 10.63
C GLY A 137 19.65 -12.77 9.55
N ALA A 138 18.78 -13.73 9.27
CA ALA A 138 17.71 -13.50 8.30
C ALA A 138 16.46 -14.23 8.76
N ILE A 139 15.35 -13.51 8.75
CA ILE A 139 14.09 -14.06 9.20
C ILE A 139 13.11 -13.94 8.03
N VAL A 140 12.34 -14.99 7.81
CA VAL A 140 11.32 -14.97 6.75
C VAL A 140 10.01 -15.43 7.40
N ASN A 141 9.02 -14.54 7.34
CA ASN A 141 7.71 -14.77 7.93
C ASN A 141 6.68 -15.10 6.88
N LEU A 142 5.79 -16.02 7.19
CA LEU A 142 4.73 -16.33 6.26
C LEU A 142 3.56 -15.40 6.61
N GLY A 143 3.47 -14.29 5.88
CA GLY A 143 2.31 -13.42 5.87
C GLY A 143 1.29 -14.07 4.94
N SER A 144 0.60 -13.25 4.17
CA SER A 144 -0.46 -13.74 3.29
C SER A 144 -1.01 -12.57 2.50
N MET A 145 -1.56 -12.86 1.31
CA MET A 145 -2.41 -11.87 0.67
C MET A 145 -3.46 -11.34 1.66
N SER A 146 -3.85 -12.19 2.64
CA SER A 146 -4.84 -11.82 3.67
C SER A 146 -4.37 -10.77 4.65
N GLY A 147 -3.09 -10.40 4.57
CA GLY A 147 -2.56 -9.28 5.32
C GLY A 147 -2.68 -7.96 4.55
N THR A 148 -3.14 -8.04 3.29
CA THR A 148 -3.22 -6.90 2.35
C THR A 148 -4.67 -6.65 1.88
N ILE A 149 -5.31 -7.74 1.52
CA ILE A 149 -6.70 -7.73 1.09
C ILE A 149 -7.52 -8.71 1.92
N VAL A 150 -8.80 -8.81 1.61
CA VAL A 150 -9.72 -9.68 2.34
C VAL A 150 -10.28 -10.78 1.40
N ASN A 151 -10.16 -12.04 1.81
CA ASN A 151 -10.60 -13.18 1.02
C ASN A 151 -12.11 -13.14 0.76
N ARG A 152 -12.51 -13.84 -0.29
CA ARG A 152 -13.95 -14.00 -0.59
C ARG A 152 -14.15 -15.34 -1.28
N PRO A 153 -15.34 -15.95 -1.10
CA PRO A 153 -16.51 -15.47 -0.36
C PRO A 153 -16.51 -15.77 1.14
N GLN A 154 -15.61 -16.65 1.58
CA GLN A 154 -15.58 -17.12 2.97
C GLN A 154 -15.14 -16.02 3.96
N PHE A 155 -15.65 -16.08 5.19
CA PHE A 155 -15.26 -15.13 6.22
C PHE A 155 -14.38 -15.76 7.29
N ALA A 156 -13.41 -14.96 7.71
CA ALA A 156 -12.45 -15.37 8.69
C ALA A 156 -11.69 -14.13 9.13
N SER A 157 -12.40 -13.21 9.80
CA SER A 157 -11.83 -11.90 10.12
C SER A 157 -10.58 -12.01 10.99
N SER A 158 -10.54 -13.04 11.84
CA SER A 158 -9.35 -13.27 12.68
C SER A 158 -8.09 -13.51 11.86
N TYR A 159 -8.24 -14.21 10.73
CA TYR A 159 -7.11 -14.53 9.86
C TYR A 159 -6.61 -13.27 9.20
N MET A 160 -7.53 -12.46 8.67
CA MET A 160 -7.17 -11.17 8.08
C MET A 160 -6.41 -10.31 9.07
N ALA A 161 -6.98 -10.09 10.27
CA ALA A 161 -6.32 -9.26 11.27
C ALA A 161 -4.97 -9.82 11.64
N SER A 162 -4.91 -11.14 11.79
CA SER A 162 -3.65 -11.78 12.15
C SER A 162 -2.55 -11.51 11.13
N LYS A 163 -2.92 -11.52 9.84
CA LYS A 163 -1.92 -11.36 8.79
C LYS A 163 -1.55 -9.91 8.60
N GLY A 164 -2.49 -8.99 8.86
CA GLY A 164 -2.16 -7.56 9.01
C GLY A 164 -1.09 -7.36 10.08
N ALA A 165 -1.27 -8.02 11.23
CA ALA A 165 -0.25 -7.97 12.30
C ALA A 165 1.10 -8.56 11.87
N VAL A 166 1.06 -9.71 11.16
CA VAL A 166 2.29 -10.39 10.70
C VAL A 166 3.11 -9.41 9.84
N HIS A 167 2.44 -8.76 8.90
CA HIS A 167 3.14 -7.84 7.99
C HIS A 167 3.79 -6.70 8.76
N GLN A 168 3.10 -6.14 9.75
CA GLN A 168 3.67 -5.03 10.52
C GLN A 168 4.72 -5.50 11.52
N LEU A 169 4.48 -6.67 12.11
CA LEU A 169 5.51 -7.26 13.00
C LEU A 169 6.83 -7.45 12.26
N THR A 170 6.75 -8.00 11.04
CA THR A 170 7.91 -8.17 10.13
C THR A 170 8.70 -6.86 9.97
N ARG A 171 7.99 -5.81 9.61
CA ARG A 171 8.54 -4.48 9.39
C ARG A 171 9.09 -3.86 10.68
N ALA A 172 8.35 -4.03 11.79
CA ALA A 172 8.81 -3.53 13.11
C ALA A 172 10.18 -4.13 13.47
N LEU A 173 10.30 -5.45 13.35
CA LEU A 173 11.58 -6.11 13.69
C LEU A 173 12.64 -5.75 12.65
N ALA A 174 12.24 -5.64 11.38
CA ALA A 174 13.20 -5.17 10.36
C ALA A 174 13.83 -3.81 10.75
N ALA A 175 13.00 -2.88 11.21
CA ALA A 175 13.48 -1.56 11.58
C ALA A 175 14.37 -1.64 12.81
N GLU A 176 13.93 -2.42 13.79
CA GLU A 176 14.60 -2.47 15.09
C GLU A 176 15.95 -3.17 15.01
N TRP A 177 16.06 -4.16 14.12
CA TRP A 177 17.28 -4.99 14.08
C TRP A 177 18.17 -4.73 12.85
N ALA A 178 17.79 -3.74 12.05
CA ALA A 178 18.56 -3.41 10.82
C ALA A 178 20.01 -3.03 11.14
N GLY A 179 20.20 -2.33 12.25
CA GLY A 179 21.52 -1.85 12.67
C GLY A 179 22.40 -2.98 13.17
N ARG A 180 21.79 -4.13 13.41
CA ARG A 180 22.46 -5.27 14.00
C ARG A 180 22.49 -6.41 12.98
N GLY A 181 22.36 -6.04 11.71
CA GLY A 181 22.51 -6.97 10.60
C GLY A 181 21.50 -8.12 10.47
N VAL A 182 20.30 -7.96 11.01
CA VAL A 182 19.30 -9.03 10.91
C VAL A 182 18.18 -8.56 9.97
N ARG A 183 18.06 -9.20 8.81
CA ARG A 183 17.00 -8.80 7.85
C ARG A 183 15.74 -9.54 8.22
N VAL A 184 14.59 -8.88 8.04
CA VAL A 184 13.34 -9.53 8.40
C VAL A 184 12.37 -9.15 7.30
N ASN A 185 11.85 -10.15 6.61
CA ASN A 185 10.91 -10.00 5.49
C ASN A 185 9.76 -11.00 5.58
N ALA A 186 8.68 -10.71 4.84
CA ALA A 186 7.53 -11.58 4.78
C ALA A 186 7.17 -11.91 3.36
N LEU A 187 6.69 -13.13 3.17
CA LEU A 187 5.99 -13.52 1.96
C LEU A 187 4.49 -13.32 2.18
N ALA A 188 3.77 -12.99 1.11
CA ALA A 188 2.31 -12.83 1.15
C ALA A 188 1.72 -13.71 0.05
N PRO A 189 1.68 -15.05 0.31
CA PRO A 189 1.22 -15.98 -0.71
C PRO A 189 -0.25 -15.84 -0.99
N GLY A 190 -0.65 -16.21 -2.20
CA GLY A 190 -2.08 -16.35 -2.53
C GLY A 190 -2.48 -17.75 -2.10
N TYR A 191 -3.55 -18.30 -2.68
CA TYR A 191 -3.91 -19.68 -2.36
C TYR A 191 -2.80 -20.67 -2.75
N VAL A 192 -2.54 -21.61 -1.84
CA VAL A 192 -1.47 -22.59 -2.06
C VAL A 192 -2.06 -23.99 -1.86
N ALA A 193 -1.66 -24.91 -2.74
CA ALA A 193 -2.15 -26.29 -2.68
C ALA A 193 -1.52 -27.08 -1.56
N THR A 194 -2.00 -26.88 -0.33
CA THR A 194 -1.53 -27.65 0.82
C THR A 194 -2.65 -28.34 1.58
N GLU A 195 -2.26 -29.00 2.68
CA GLU A 195 -3.17 -29.51 3.71
C GLU A 195 -4.09 -28.40 4.24
N MET A 196 -3.52 -27.20 4.48
CA MET A 196 -4.32 -26.04 4.93
C MET A 196 -5.58 -25.80 4.05
N THR A 197 -5.41 -25.87 2.74
CA THR A 197 -6.50 -25.54 1.81
C THR A 197 -7.16 -26.77 1.17
N LEU A 198 -6.87 -27.97 1.69
CA LEU A 198 -7.29 -29.21 1.01
C LEU A 198 -8.81 -29.40 0.93
N LYS A 199 -9.49 -29.31 2.09
CA LYS A 199 -10.95 -29.45 2.18
C LYS A 199 -11.69 -28.38 1.37
N MET A 200 -11.39 -27.11 1.65
CA MET A 200 -11.99 -25.96 0.95
C MET A 200 -11.98 -26.15 -0.57
N ARG A 201 -10.89 -26.71 -1.07
CA ARG A 201 -10.74 -26.95 -2.51
C ARG A 201 -11.75 -27.95 -3.06
N GLU A 202 -12.41 -28.69 -2.17
CA GLU A 202 -13.48 -29.62 -2.55
C GLU A 202 -14.82 -28.92 -2.80
N ARG A 203 -15.04 -27.79 -2.11
CA ARG A 203 -16.25 -26.96 -2.30
C ARG A 203 -16.07 -26.05 -3.52
N PRO A 204 -16.84 -26.29 -4.60
CA PRO A 204 -16.70 -25.47 -5.81
C PRO A 204 -17.21 -24.04 -5.62
N GLU A 205 -18.18 -23.85 -4.73
CA GLU A 205 -18.70 -22.52 -4.42
C GLU A 205 -17.60 -21.57 -3.97
N LEU A 206 -16.61 -22.11 -3.26
CA LEU A 206 -15.43 -21.37 -2.86
C LEU A 206 -14.39 -21.40 -3.98
N PHE A 207 -14.02 -22.60 -4.41
CA PHE A 207 -12.83 -22.81 -5.24
C PHE A 207 -12.85 -22.17 -6.64
N GLU A 208 -14.02 -22.18 -7.29
CA GLU A 208 -14.20 -21.53 -8.59
C GLU A 208 -13.91 -20.04 -8.44
N THR A 209 -14.46 -19.44 -7.38
CA THR A 209 -14.31 -18.03 -7.07
C THR A 209 -12.84 -17.71 -6.82
N TRP A 210 -12.17 -18.54 -6.01
CA TRP A 210 -10.74 -18.36 -5.77
C TRP A 210 -9.96 -18.28 -7.09
N LEU A 211 -10.20 -19.25 -7.98
CA LEU A 211 -9.51 -19.29 -9.27
C LEU A 211 -9.89 -18.09 -10.16
N ASP A 212 -11.17 -17.74 -10.19
CA ASP A 212 -11.63 -16.59 -10.97
C ASP A 212 -11.06 -15.24 -10.48
N MET A 213 -10.67 -15.16 -9.19
CA MET A 213 -10.09 -13.94 -8.61
C MET A 213 -8.57 -13.92 -8.75
N THR A 214 -7.99 -14.99 -9.29
CA THR A 214 -6.53 -15.12 -9.44
C THR A 214 -6.19 -15.00 -10.93
N PRO A 215 -5.41 -13.98 -11.32
CA PRO A 215 -5.11 -13.79 -12.73
C PRO A 215 -4.42 -14.99 -13.39
N MET A 216 -3.55 -15.69 -12.65
CA MET A 216 -2.93 -16.92 -13.17
C MET A 216 -3.92 -18.11 -13.27
N GLY A 217 -5.08 -17.98 -12.63
CA GLY A 217 -6.13 -19.03 -12.72
C GLY A 217 -5.80 -20.37 -12.08
N ARG A 218 -4.91 -20.35 -11.08
CA ARG A 218 -4.51 -21.57 -10.35
C ARG A 218 -3.97 -21.21 -8.97
N CYS A 219 -3.98 -22.16 -8.02
CA CYS A 219 -3.24 -22.00 -6.76
C CYS A 219 -1.78 -22.13 -7.06
N GLY A 220 -0.95 -21.59 -6.17
CA GLY A 220 0.47 -21.83 -6.28
C GLY A 220 0.83 -23.20 -5.69
N GLU A 221 1.93 -23.77 -6.14
CA GLU A 221 2.47 -24.99 -5.52
C GLU A 221 3.35 -24.60 -4.33
N PRO A 222 3.40 -25.44 -3.27
CA PRO A 222 4.32 -25.21 -2.16
C PRO A 222 5.73 -24.82 -2.57
N SER A 223 6.29 -25.47 -3.58
CA SER A 223 7.67 -25.19 -4.07
C SER A 223 7.84 -23.74 -4.59
N GLU A 224 6.76 -23.17 -5.10
CA GLU A 224 6.81 -21.78 -5.61
C GLU A 224 6.84 -20.77 -4.45
N ILE A 225 6.25 -21.13 -3.31
CA ILE A 225 6.37 -20.32 -2.08
C ILE A 225 7.76 -20.54 -1.50
N ALA A 226 8.18 -21.81 -1.44
CA ALA A 226 9.50 -22.12 -0.90
C ALA A 226 10.64 -21.49 -1.67
N ALA A 227 10.53 -21.41 -3.00
CA ALA A 227 11.61 -20.79 -3.78
C ALA A 227 11.75 -19.29 -3.43
N ALA A 228 10.61 -18.65 -3.20
CA ALA A 228 10.63 -17.22 -2.80
C ALA A 228 11.20 -17.05 -1.39
N ALA A 229 10.87 -17.99 -0.51
CA ALA A 229 11.38 -17.97 0.86
C ALA A 229 12.89 -18.12 0.83
N LEU A 230 13.35 -19.05 -0.02
CA LEU A 230 14.78 -19.25 -0.20
C LEU A 230 15.49 -17.96 -0.64
N PHE A 231 14.92 -17.28 -1.62
CA PHE A 231 15.48 -15.97 -2.07
C PHE A 231 15.64 -15.03 -0.88
N LEU A 232 14.55 -14.85 -0.14
CA LEU A 232 14.57 -13.91 1.00
C LEU A 232 15.58 -14.29 2.10
N ALA A 233 15.81 -15.60 2.27
CA ALA A 233 16.68 -16.06 3.35
C ALA A 233 18.13 -15.97 2.92
N SER A 234 18.36 -15.87 1.61
CA SER A 234 19.73 -15.99 1.08
C SER A 234 20.42 -14.63 0.99
N PRO A 235 21.75 -14.65 0.81
CA PRO A 235 22.51 -13.42 0.54
C PRO A 235 22.11 -12.68 -0.72
N ALA A 236 21.39 -13.33 -1.65
CA ALA A 236 20.82 -12.61 -2.79
C ALA A 236 19.94 -11.43 -2.36
N ALA A 237 19.25 -11.58 -1.21
CA ALA A 237 18.30 -10.57 -0.70
C ALA A 237 18.97 -9.63 0.32
N SER A 238 20.28 -9.41 0.17
CA SER A 238 21.06 -8.70 1.22
C SER A 238 20.66 -7.22 1.39
N TYR A 239 19.97 -6.65 0.40
CA TYR A 239 19.48 -5.27 0.58
C TYR A 239 17.96 -5.22 0.74
N VAL A 240 17.36 -6.39 1.00
CA VAL A 240 15.91 -6.49 1.21
C VAL A 240 15.63 -6.65 2.69
N THR A 241 14.96 -5.67 3.28
CA THR A 241 14.46 -5.86 4.62
C THR A 241 13.21 -5.05 4.86
N GLY A 242 12.32 -5.62 5.65
CA GLY A 242 10.99 -5.05 5.84
C GLY A 242 10.09 -5.15 4.62
N ALA A 243 10.47 -5.95 3.61
CA ALA A 243 9.58 -6.09 2.45
C ALA A 243 8.46 -7.10 2.65
N ILE A 244 7.34 -6.83 2.00
CA ILE A 244 6.27 -7.80 1.93
C ILE A 244 6.21 -8.20 0.47
N LEU A 245 6.60 -9.45 0.18
CA LEU A 245 6.67 -9.90 -1.22
C LEU A 245 5.44 -10.71 -1.55
N ALA A 246 4.61 -10.20 -2.48
CA ALA A 246 3.41 -10.94 -2.93
C ALA A 246 3.84 -12.11 -3.82
N VAL A 247 3.34 -13.30 -3.49
CA VAL A 247 3.55 -14.51 -4.29
C VAL A 247 2.16 -15.11 -4.43
N ASP A 248 1.33 -14.46 -5.25
CA ASP A 248 -0.11 -14.73 -5.27
C ASP A 248 -0.75 -14.89 -6.64
N GLY A 249 0.06 -15.21 -7.65
CA GLY A 249 -0.44 -15.37 -9.04
C GLY A 249 -1.18 -14.14 -9.57
N GLY A 250 -0.91 -12.98 -8.95
CA GLY A 250 -1.52 -11.70 -9.32
C GLY A 250 -2.79 -11.37 -8.56
N TYR A 251 -3.18 -12.21 -7.59
CA TYR A 251 -4.41 -11.94 -6.80
C TYR A 251 -4.59 -10.49 -6.32
N THR A 252 -3.56 -9.90 -5.73
CA THR A 252 -3.70 -8.53 -5.20
C THR A 252 -3.56 -7.43 -6.26
N VAL A 253 -3.39 -7.83 -7.53
CA VAL A 253 -3.32 -6.86 -8.64
C VAL A 253 -4.70 -6.33 -9.01
N TRP A 254 -5.67 -7.23 -9.09
CA TRP A 254 -7.07 -6.84 -9.33
C TRP A 254 -7.76 -6.25 -8.10
N MET B 1 -12.89 25.33 18.48
CA MET B 1 -13.15 24.56 17.23
C MET B 1 -14.64 24.48 16.93
N ASP B 2 -15.03 25.00 15.77
CA ASP B 2 -16.43 24.99 15.37
C ASP B 2 -16.71 23.93 14.31
N TYR B 3 -17.25 22.81 14.76
CA TYR B 3 -17.49 21.65 13.92
C TYR B 3 -18.66 21.85 12.97
N ARG B 4 -19.51 22.82 13.31
CA ARG B 4 -20.66 23.16 12.49
C ARG B 4 -20.23 23.80 11.18
N THR B 5 -19.05 24.44 11.14
CA THR B 5 -18.58 25.11 9.92
C THR B 5 -17.22 24.63 9.38
N VAL B 6 -16.64 23.60 10.00
CA VAL B 6 -15.31 23.13 9.62
C VAL B 6 -15.26 22.53 8.19
N PHE B 7 -16.40 22.05 7.69
CA PHE B 7 -16.45 21.48 6.35
C PHE B 7 -16.83 22.52 5.29
N ARG B 8 -17.02 23.77 5.70
CA ARG B 8 -17.39 24.84 4.75
C ARG B 8 -16.19 25.41 4.05
N LEU B 9 -16.46 26.06 2.93
CA LEU B 9 -15.43 26.74 2.13
C LEU B 9 -15.72 28.24 2.00
N ASP B 10 -16.33 28.84 3.03
CA ASP B 10 -16.67 30.27 2.94
C ASP B 10 -15.44 31.11 2.70
N GLY B 11 -15.55 32.07 1.81
CA GLY B 11 -14.43 32.97 1.50
C GLY B 11 -13.35 32.40 0.60
N ALA B 12 -13.50 31.12 0.23
CA ALA B 12 -12.54 30.47 -0.64
C ALA B 12 -12.89 30.71 -2.09
N CYS B 13 -11.85 30.79 -2.94
CA CYS B 13 -12.05 30.71 -4.39
C CYS B 13 -11.41 29.40 -4.91
N ALA B 14 -12.24 28.56 -5.52
CA ALA B 14 -11.78 27.23 -5.97
C ALA B 14 -11.78 27.12 -7.51
N ALA B 15 -10.64 26.78 -8.10
CA ALA B 15 -10.59 26.50 -9.54
C ALA B 15 -10.80 25.00 -9.72
N VAL B 16 -11.68 24.63 -10.67
CA VAL B 16 -11.99 23.22 -10.96
C VAL B 16 -11.84 22.95 -12.46
N THR B 17 -10.95 22.04 -12.84
CA THR B 17 -10.84 21.61 -14.24
C THR B 17 -11.85 20.48 -14.49
N GLY B 18 -12.33 20.31 -15.71
CA GLY B 18 -13.38 19.30 -15.95
C GLY B 18 -14.70 19.73 -15.32
N ALA B 19 -14.88 21.04 -15.13
CA ALA B 19 -16.00 21.59 -14.36
C ALA B 19 -17.35 21.40 -15.03
N GLY B 20 -17.36 21.17 -16.36
CA GLY B 20 -18.61 21.25 -17.14
C GLY B 20 -19.49 20.02 -17.08
N SER B 21 -18.93 18.91 -16.62
CA SER B 21 -19.63 17.64 -16.60
C SER B 21 -19.16 16.70 -15.50
N GLY B 22 -19.98 15.67 -15.28
CA GLY B 22 -19.68 14.53 -14.43
C GLY B 22 -19.24 14.90 -13.04
N ILE B 23 -18.09 14.35 -12.64
CA ILE B 23 -17.58 14.51 -11.27
C ILE B 23 -17.18 15.96 -11.00
N GLY B 24 -16.50 16.60 -11.96
CA GLY B 24 -16.08 18.00 -11.79
C GLY B 24 -17.29 18.88 -11.51
N LEU B 25 -18.35 18.66 -12.28
CA LEU B 25 -19.54 19.49 -12.06
C LEU B 25 -20.19 19.26 -10.67
N GLU B 26 -20.23 18.00 -10.22
CA GLU B 26 -20.84 17.71 -8.94
C GLU B 26 -19.98 18.28 -7.81
N ILE B 27 -18.67 18.22 -8.00
CA ILE B 27 -17.78 18.88 -7.07
C ILE B 27 -18.05 20.38 -7.01
N CYS B 28 -18.23 21.01 -8.17
CA CYS B 28 -18.69 22.42 -8.21
C CYS B 28 -19.97 22.66 -7.42
N ARG B 29 -20.98 21.80 -7.59
CA ARG B 29 -22.20 21.87 -6.78
C ARG B 29 -21.89 21.85 -5.28
N ALA B 30 -21.07 20.89 -4.85
CA ALA B 30 -20.72 20.74 -3.44
C ALA B 30 -20.03 21.99 -2.85
N PHE B 31 -19.09 22.53 -3.64
CA PHE B 31 -18.27 23.64 -3.24
C PHE B 31 -19.10 24.90 -3.15
N ALA B 32 -19.96 25.10 -4.15
CA ALA B 32 -20.92 26.22 -4.19
C ALA B 32 -21.85 26.21 -2.97
N ALA B 33 -22.40 25.03 -2.68
CA ALA B 33 -23.29 24.82 -1.55
C ALA B 33 -22.57 25.14 -0.24
N SER B 34 -21.24 25.00 -0.25
CA SER B 34 -20.42 25.20 0.95
C SER B 34 -19.81 26.57 1.06
N GLY B 35 -20.20 27.49 0.19
CA GLY B 35 -19.76 28.86 0.30
C GLY B 35 -18.59 29.31 -0.56
N ALA B 36 -18.04 28.41 -1.38
CA ALA B 36 -16.90 28.77 -2.25
C ALA B 36 -17.35 29.56 -3.46
N ARG B 37 -16.48 30.43 -3.94
CA ARG B 37 -16.63 30.97 -5.29
C ARG B 37 -15.82 30.13 -6.28
N LEU B 38 -16.31 30.02 -7.51
CA LEU B 38 -15.71 29.09 -8.49
C LEU B 38 -15.08 29.71 -9.74
N ILE B 39 -13.91 29.19 -10.09
CA ILE B 39 -13.34 29.38 -11.43
C ILE B 39 -13.55 28.08 -12.20
N LEU B 40 -14.55 28.09 -13.10
CA LEU B 40 -14.86 26.89 -13.87
C LEU B 40 -13.96 26.81 -15.09
N ILE B 41 -13.34 25.64 -15.26
CA ILE B 41 -12.45 25.40 -16.39
C ILE B 41 -12.91 24.13 -17.12
N ASP B 42 -13.02 24.24 -18.44
CA ASP B 42 -13.33 23.07 -19.28
C ASP B 42 -12.95 23.33 -20.75
N ARG B 43 -12.89 22.28 -21.56
CA ARG B 43 -12.69 22.47 -23.00
C ARG B 43 -14.00 22.54 -23.78
N GLU B 44 -15.07 21.98 -23.21
CA GLU B 44 -16.41 22.07 -23.82
C GLU B 44 -17.22 23.25 -23.26
N ALA B 45 -17.11 24.40 -23.95
CA ALA B 45 -17.67 25.68 -23.45
C ALA B 45 -19.19 25.71 -23.27
N ALA B 46 -19.89 24.79 -23.92
CA ALA B 46 -21.31 24.68 -23.71
C ALA B 46 -21.62 23.84 -22.45
N ALA B 47 -20.70 22.95 -22.06
CA ALA B 47 -20.86 22.20 -20.80
C ALA B 47 -20.59 23.17 -19.66
N LEU B 48 -19.76 24.16 -19.94
CA LEU B 48 -19.63 25.32 -19.06
C LEU B 48 -20.90 26.16 -18.92
N ASP B 49 -21.59 26.41 -20.05
CA ASP B 49 -22.90 27.11 -20.05
C ASP B 49 -23.84 26.51 -19.03
N ARG B 50 -24.01 25.19 -19.17
CA ARG B 50 -24.86 24.38 -18.30
C ARG B 50 -24.53 24.63 -16.82
N ALA B 51 -23.25 24.52 -16.49
CA ALA B 51 -22.75 24.65 -15.12
C ALA B 51 -22.99 26.04 -14.54
N ALA B 52 -22.72 27.08 -15.32
CA ALA B 52 -22.87 28.46 -14.84
C ALA B 52 -24.32 28.83 -14.55
N GLN B 53 -25.23 28.29 -15.34
CA GLN B 53 -26.64 28.45 -15.10
C GLN B 53 -27.00 27.87 -13.73
N GLU B 54 -26.54 26.67 -13.46
CA GLU B 54 -26.89 26.03 -12.21
C GLU B 54 -26.24 26.70 -11.00
N LEU B 55 -24.96 27.03 -11.12
CA LEU B 55 -24.18 27.56 -10.00
C LEU B 55 -24.38 29.05 -9.73
N GLY B 56 -24.94 29.79 -10.70
CA GLY B 56 -25.31 31.19 -10.47
C GLY B 56 -24.21 32.07 -9.90
N ALA B 57 -24.52 32.77 -8.81
CA ALA B 57 -23.63 33.78 -8.22
C ALA B 57 -22.31 33.23 -7.69
N ALA B 58 -22.26 31.93 -7.45
CA ALA B 58 -21.01 31.30 -6.99
C ALA B 58 -19.91 31.33 -8.06
N VAL B 59 -20.28 31.56 -9.31
CA VAL B 59 -19.31 31.53 -10.41
C VAL B 59 -18.59 32.87 -10.54
N ALA B 60 -17.28 32.86 -10.30
CA ALA B 60 -16.44 34.06 -10.41
C ALA B 60 -15.90 34.21 -11.82
N ALA B 61 -15.68 33.08 -12.50
CA ALA B 61 -15.26 33.08 -13.88
C ALA B 61 -15.46 31.72 -14.52
N ARG B 62 -15.63 31.73 -15.85
CA ARG B 62 -15.67 30.53 -16.67
C ARG B 62 -14.53 30.70 -17.68
N ILE B 63 -13.62 29.73 -17.71
CA ILE B 63 -12.44 29.78 -18.58
C ILE B 63 -12.41 28.54 -19.45
N VAL B 64 -12.37 28.74 -20.77
CA VAL B 64 -12.27 27.61 -21.69
C VAL B 64 -10.79 27.32 -21.92
N ALA B 65 -10.35 26.10 -21.59
CA ALA B 65 -8.95 25.77 -21.73
C ALA B 65 -8.74 24.26 -21.77
N ASP B 66 -7.72 23.86 -22.51
CA ASP B 66 -7.35 22.47 -22.60
C ASP B 66 -6.25 22.24 -21.56
N VAL B 67 -6.44 21.30 -20.63
CA VAL B 67 -5.41 21.11 -19.60
C VAL B 67 -4.07 20.64 -20.16
N THR B 68 -4.07 20.09 -21.36
CA THR B 68 -2.85 19.59 -21.96
C THR B 68 -1.96 20.70 -22.49
N ASP B 69 -2.47 21.93 -22.49
CA ASP B 69 -1.75 23.09 -23.01
C ASP B 69 -1.17 23.85 -21.83
N ALA B 70 0.13 23.68 -21.60
CA ALA B 70 0.79 24.24 -20.42
C ALA B 70 0.68 25.76 -20.37
N GLU B 71 0.92 26.41 -21.52
CA GLU B 71 0.72 27.87 -21.63
C GLU B 71 -0.69 28.30 -21.26
N ALA B 72 -1.68 27.52 -21.69
CA ALA B 72 -3.08 27.85 -21.43
C ALA B 72 -3.43 27.74 -19.94
N MET B 73 -2.81 26.78 -19.25
CA MET B 73 -2.98 26.65 -17.80
C MET B 73 -2.33 27.79 -17.04
N THR B 74 -1.11 28.17 -17.45
CA THR B 74 -0.42 29.31 -16.82
C THR B 74 -1.27 30.58 -16.99
N ALA B 75 -1.83 30.76 -18.19
CA ALA B 75 -2.72 31.90 -18.49
C ALA B 75 -4.00 31.86 -17.68
N ALA B 76 -4.62 30.69 -17.57
CA ALA B 76 -5.84 30.52 -16.78
C ALA B 76 -5.59 30.91 -15.32
N ALA B 77 -4.44 30.49 -14.76
CA ALA B 77 -4.11 30.84 -13.39
C ALA B 77 -3.91 32.36 -13.20
N ALA B 78 -3.24 33.00 -14.15
CA ALA B 78 -3.02 34.46 -14.07
C ALA B 78 -4.35 35.21 -14.16
N GLU B 79 -5.25 34.73 -15.03
CA GLU B 79 -6.60 35.28 -15.17
C GLU B 79 -7.43 35.08 -13.91
N ALA B 80 -7.46 33.86 -13.39
CA ALA B 80 -8.13 33.60 -12.11
C ALA B 80 -7.61 34.46 -10.94
N GLU B 81 -6.28 34.57 -10.80
CA GLU B 81 -5.67 35.33 -9.69
C GLU B 81 -6.07 36.82 -9.75
N ALA B 82 -6.20 37.34 -10.96
CA ALA B 82 -6.66 38.71 -11.16
C ALA B 82 -8.09 38.93 -10.65
N VAL B 83 -8.92 37.88 -10.66
CA VAL B 83 -10.30 37.95 -10.13
C VAL B 83 -10.33 37.80 -8.60
N ALA B 84 -9.68 36.75 -8.10
CA ALA B 84 -9.49 36.59 -6.65
C ALA B 84 -8.37 35.59 -6.40
N PRO B 85 -7.72 35.69 -5.22
CA PRO B 85 -6.75 34.65 -4.84
C PRO B 85 -7.42 33.26 -4.88
N VAL B 86 -6.83 32.34 -5.64
CA VAL B 86 -7.35 30.98 -5.74
C VAL B 86 -6.72 30.19 -4.60
N SER B 87 -7.54 29.69 -3.68
CA SER B 87 -7.05 28.97 -2.52
C SER B 87 -7.25 27.46 -2.63
N ILE B 88 -8.02 27.03 -3.62
CA ILE B 88 -8.32 25.59 -3.82
C ILE B 88 -8.23 25.25 -5.30
N LEU B 89 -7.62 24.12 -5.62
CA LEU B 89 -7.66 23.58 -7.00
C LEU B 89 -8.12 22.13 -6.99
N VAL B 90 -9.07 21.82 -7.87
CA VAL B 90 -9.54 20.47 -8.08
C VAL B 90 -9.13 20.10 -9.51
N ASN B 91 -8.33 19.05 -9.64
CA ASN B 91 -7.97 18.50 -10.95
C ASN B 91 -8.88 17.30 -11.27
N SER B 92 -9.94 17.56 -12.03
CA SER B 92 -10.94 16.56 -12.34
C SER B 92 -11.14 16.40 -13.84
N ALA B 93 -10.13 16.77 -14.61
CA ALA B 93 -10.15 16.50 -16.02
C ALA B 93 -9.36 15.21 -16.13
N GLY B 94 -9.91 14.24 -16.81
CA GLY B 94 -9.28 12.94 -16.93
C GLY B 94 -10.07 12.25 -18.01
N ILE B 95 -9.40 11.41 -18.80
CA ILE B 95 -10.10 10.58 -19.78
C ILE B 95 -9.71 9.09 -19.61
N ALA B 96 -10.52 8.20 -20.17
CA ALA B 96 -10.21 6.76 -20.24
C ALA B 96 -10.39 6.23 -21.67
N ARG B 97 -9.43 5.44 -22.14
CA ARG B 97 -9.56 4.78 -23.45
C ARG B 97 -9.31 3.27 -23.29
N LEU B 98 -10.26 2.45 -23.73
CA LEU B 98 -10.06 1.01 -23.75
C LEU B 98 -9.09 0.62 -24.87
N HIS B 99 -8.04 -0.14 -24.53
CA HIS B 99 -7.13 -0.72 -25.54
C HIS B 99 -6.41 -1.96 -25.03
N ASP B 100 -6.27 -2.97 -25.89
CA ASP B 100 -5.41 -4.12 -25.58
C ASP B 100 -3.95 -3.69 -25.78
N ALA B 101 -3.08 -4.05 -24.84
CA ALA B 101 -1.71 -3.57 -24.85
C ALA B 101 -0.98 -3.78 -26.17
N LEU B 102 -1.13 -5.00 -26.71
CA LEU B 102 -0.46 -5.37 -27.94
C LEU B 102 -0.99 -4.63 -29.17
N GLU B 103 -2.18 -4.03 -29.04
CA GLU B 103 -2.86 -3.40 -30.16
C GLU B 103 -2.97 -1.89 -29.98
N THR B 104 -2.16 -1.33 -29.08
CA THR B 104 -2.28 0.06 -28.67
C THR B 104 -1.66 0.98 -29.72
N ASP B 105 -2.45 1.97 -30.17
CA ASP B 105 -1.90 3.05 -30.98
C ASP B 105 -1.07 3.97 -30.08
N ASP B 106 0.11 4.33 -30.55
CA ASP B 106 0.97 5.30 -29.86
C ASP B 106 0.17 6.52 -29.37
N ALA B 107 -0.68 7.08 -30.25
CA ALA B 107 -1.47 8.29 -29.92
C ALA B 107 -2.43 8.09 -28.75
N THR B 108 -3.00 6.88 -28.61
CA THR B 108 -3.92 6.57 -27.52
C THR B 108 -3.18 6.66 -26.19
N TRP B 109 -2.04 5.96 -26.11
CA TRP B 109 -1.16 6.02 -24.92
C TRP B 109 -0.81 7.48 -24.59
N ARG B 110 -0.23 8.21 -25.56
CA ARG B 110 0.15 9.60 -25.34
C ARG B 110 -1.00 10.52 -24.93
N GLN B 111 -2.17 10.38 -25.58
CA GLN B 111 -3.33 11.21 -25.26
C GLN B 111 -3.75 11.05 -23.78
N VAL B 112 -3.89 9.80 -23.34
CA VAL B 112 -4.34 9.50 -21.97
C VAL B 112 -3.34 10.05 -20.94
N MET B 113 -2.04 9.82 -21.16
CA MET B 113 -0.98 10.33 -20.27
C MET B 113 -0.94 11.85 -20.28
N ALA B 114 -1.08 12.44 -21.46
CA ALA B 114 -1.10 13.91 -21.59
C ALA B 114 -2.24 14.60 -20.82
N VAL B 115 -3.44 14.07 -20.90
CA VAL B 115 -4.56 14.65 -20.20
C VAL B 115 -4.47 14.33 -18.71
N ASN B 116 -4.17 13.07 -18.40
CA ASN B 116 -4.42 12.57 -17.04
C ASN B 116 -3.30 12.95 -16.07
N VAL B 117 -2.09 13.03 -16.61
CA VAL B 117 -0.88 13.29 -15.81
C VAL B 117 -0.28 14.64 -16.13
N ASP B 118 0.12 14.84 -17.39
CA ASP B 118 0.79 16.07 -17.76
C ASP B 118 -0.11 17.27 -17.47
N GLY B 119 -1.38 17.17 -17.85
CA GLY B 119 -2.35 18.26 -17.67
C GLY B 119 -2.55 18.56 -16.20
N MET B 120 -2.59 17.51 -15.38
CA MET B 120 -2.62 17.68 -13.91
C MET B 120 -1.39 18.45 -13.40
N PHE B 121 -0.22 18.11 -13.92
CA PHE B 121 1.00 18.84 -13.55
C PHE B 121 0.94 20.28 -14.04
N TRP B 122 0.54 20.51 -15.30
CA TRP B 122 0.42 21.92 -15.81
C TRP B 122 -0.52 22.76 -14.94
N ALA B 123 -1.69 22.23 -14.61
CA ALA B 123 -2.67 22.97 -13.78
C ALA B 123 -2.16 23.19 -12.35
N SER B 124 -1.57 22.14 -11.75
CA SER B 124 -1.04 22.22 -10.39
C SER B 124 0.11 23.21 -10.27
N ARG B 125 1.00 23.23 -11.26
CA ARG B 125 2.11 24.19 -11.24
C ARG B 125 1.54 25.60 -11.40
N ALA B 126 0.62 25.76 -12.35
CA ALA B 126 0.08 27.09 -12.65
C ALA B 126 -0.66 27.70 -11.45
N PHE B 127 -1.61 26.94 -10.90
CA PHE B 127 -2.46 27.42 -9.81
C PHE B 127 -1.75 27.32 -8.45
N GLY B 128 -0.93 26.29 -8.28
CA GLY B 128 -0.17 26.15 -7.04
C GLY B 128 0.81 27.28 -6.76
N ARG B 129 1.30 27.94 -7.81
CA ARG B 129 2.35 28.96 -7.64
C ARG B 129 1.95 30.02 -6.59
N ALA B 130 0.77 30.60 -6.78
CA ALA B 130 0.31 31.69 -5.92
C ALA B 130 -0.12 31.17 -4.53
N MET B 131 -0.56 29.90 -4.46
CA MET B 131 -0.92 29.28 -3.17
C MET B 131 0.32 29.13 -2.31
N VAL B 132 1.38 28.62 -2.94
CA VAL B 132 2.66 28.47 -2.28
C VAL B 132 3.21 29.82 -1.83
N ALA B 133 3.13 30.83 -2.70
CA ALA B 133 3.53 32.20 -2.34
C ALA B 133 2.74 32.71 -1.11
N ARG B 134 1.44 32.47 -1.08
CA ARG B 134 0.60 32.89 0.04
C ARG B 134 0.77 32.06 1.31
N GLY B 135 1.35 30.87 1.15
CA GLY B 135 1.51 29.93 2.27
C GLY B 135 0.19 29.29 2.67
N ALA B 136 -0.74 29.19 1.74
CA ALA B 136 -2.07 28.65 2.03
C ALA B 136 -2.71 28.05 0.78
N GLY B 137 -3.22 26.83 0.89
CA GLY B 137 -3.95 26.22 -0.23
C GLY B 137 -4.30 24.76 -0.01
N ALA B 138 -5.28 24.31 -0.80
CA ALA B 138 -5.70 22.90 -0.84
C ALA B 138 -5.91 22.45 -2.28
N ILE B 139 -5.33 21.30 -2.60
CA ILE B 139 -5.46 20.73 -3.93
C ILE B 139 -6.05 19.33 -3.80
N VAL B 140 -7.11 19.07 -4.57
CA VAL B 140 -7.71 17.77 -4.59
C VAL B 140 -7.61 17.23 -6.01
N ASN B 141 -6.88 16.12 -6.16
CA ASN B 141 -6.72 15.48 -7.45
C ASN B 141 -7.60 14.27 -7.60
N LEU B 142 -8.16 14.10 -8.80
CA LEU B 142 -8.94 12.92 -9.06
C LEU B 142 -8.00 11.81 -9.53
N GLY B 143 -7.57 10.98 -8.56
CA GLY B 143 -6.92 9.69 -8.90
C GLY B 143 -7.97 8.66 -9.25
N SER B 144 -7.76 7.42 -8.84
CA SER B 144 -8.67 6.34 -9.16
C SER B 144 -8.27 5.09 -8.40
N MET B 145 -9.21 4.20 -8.12
CA MET B 145 -8.81 2.84 -7.73
C MET B 145 -7.82 2.23 -8.76
N SER B 146 -7.91 2.71 -10.01
CA SER B 146 -6.99 2.32 -11.09
C SER B 146 -5.56 2.77 -10.87
N GLY B 147 -5.31 3.62 -9.88
CA GLY B 147 -3.89 3.92 -9.48
C GLY B 147 -3.36 2.96 -8.45
N THR B 148 -4.22 2.09 -7.94
CA THR B 148 -3.93 1.15 -6.85
C THR B 148 -3.99 -0.30 -7.34
N ILE B 149 -5.09 -0.62 -8.03
CA ILE B 149 -5.32 -1.93 -8.62
C ILE B 149 -5.53 -1.78 -10.14
N VAL B 150 -5.86 -2.90 -10.80
CA VAL B 150 -6.08 -2.94 -12.24
C VAL B 150 -7.48 -3.45 -12.49
N ASN B 151 -8.25 -2.67 -13.24
CA ASN B 151 -9.62 -3.05 -13.60
C ASN B 151 -9.75 -4.39 -14.32
N ARG B 152 -10.94 -4.98 -14.24
CA ARG B 152 -11.24 -6.17 -15.05
C ARG B 152 -12.73 -6.13 -15.37
N PRO B 153 -13.14 -6.71 -16.51
CA PRO B 153 -12.33 -7.49 -17.44
C PRO B 153 -11.66 -6.66 -18.54
N GLN B 154 -12.06 -5.40 -18.67
CA GLN B 154 -11.59 -4.56 -19.77
C GLN B 154 -10.10 -4.19 -19.55
N PHE B 155 -9.40 -3.91 -20.64
CA PHE B 155 -7.99 -3.51 -20.57
C PHE B 155 -7.82 -2.05 -20.99
N ALA B 156 -6.93 -1.33 -20.29
CA ALA B 156 -6.75 0.10 -20.47
C ALA B 156 -5.47 0.42 -19.71
N SER B 157 -4.38 -0.20 -20.13
CA SER B 157 -3.10 -0.05 -19.41
C SER B 157 -2.64 1.41 -19.24
N SER B 158 -2.92 2.27 -20.23
CA SER B 158 -2.57 3.68 -20.11
C SER B 158 -3.36 4.33 -18.98
N TYR B 159 -4.61 3.93 -18.79
CA TYR B 159 -5.37 4.50 -17.67
C TYR B 159 -4.69 4.15 -16.34
N MET B 160 -4.33 2.87 -16.18
CA MET B 160 -3.77 2.37 -14.94
C MET B 160 -2.47 3.08 -14.68
N ALA B 161 -1.64 3.15 -15.72
CA ALA B 161 -0.33 3.82 -15.60
C ALA B 161 -0.55 5.31 -15.24
N SER B 162 -1.51 5.96 -15.90
CA SER B 162 -1.68 7.41 -15.65
C SER B 162 -2.15 7.66 -14.21
N LYS B 163 -2.98 6.76 -13.69
CA LYS B 163 -3.52 6.94 -12.33
C LYS B 163 -2.48 6.62 -11.24
N GLY B 164 -1.61 5.65 -11.49
CA GLY B 164 -0.41 5.51 -10.67
C GLY B 164 0.42 6.78 -10.62
N ALA B 165 0.61 7.41 -11.76
CA ALA B 165 1.32 8.71 -11.82
C ALA B 165 0.57 9.78 -11.06
N VAL B 166 -0.76 9.81 -11.19
CA VAL B 166 -1.55 10.82 -10.44
C VAL B 166 -1.35 10.67 -8.93
N HIS B 167 -1.39 9.43 -8.44
CA HIS B 167 -1.24 9.22 -7.00
C HIS B 167 0.16 9.69 -6.52
N GLN B 168 1.22 9.38 -7.27
CA GLN B 168 2.58 9.81 -6.84
C GLN B 168 2.82 11.30 -7.07
N LEU B 169 2.23 11.85 -8.13
CA LEU B 169 2.31 13.32 -8.35
C LEU B 169 1.67 14.02 -7.15
N THR B 170 0.47 13.56 -6.75
CA THR B 170 -0.22 14.09 -5.56
C THR B 170 0.74 14.15 -4.37
N ARG B 171 1.37 13.02 -4.09
CA ARG B 171 2.22 12.86 -2.95
C ARG B 171 3.48 13.69 -3.10
N ALA B 172 4.01 13.74 -4.34
CA ALA B 172 5.23 14.52 -4.57
C ALA B 172 4.98 16.00 -4.21
N LEU B 173 3.88 16.54 -4.70
CA LEU B 173 3.59 17.94 -4.44
C LEU B 173 3.19 18.18 -2.98
N ALA B 174 2.57 17.20 -2.36
CA ALA B 174 2.25 17.28 -0.92
C ALA B 174 3.56 17.46 -0.14
N ALA B 175 4.54 16.62 -0.45
CA ALA B 175 5.84 16.69 0.24
C ALA B 175 6.57 18.01 0.00
N GLU B 176 6.60 18.44 -1.26
CA GLU B 176 7.33 19.65 -1.62
C GLU B 176 6.75 20.94 -1.02
N TRP B 177 5.43 20.97 -0.80
CA TRP B 177 4.72 22.21 -0.44
C TRP B 177 4.15 22.19 0.99
N ALA B 178 4.30 21.07 1.69
CA ALA B 178 3.76 20.92 3.07
C ALA B 178 4.27 22.04 4.00
N GLY B 179 5.56 22.32 3.91
CA GLY B 179 6.23 23.37 4.70
C GLY B 179 5.74 24.77 4.38
N ARG B 180 5.15 24.91 3.20
CA ARG B 180 4.59 26.20 2.78
C ARG B 180 3.07 26.25 2.75
N GLY B 181 2.44 25.37 3.53
CA GLY B 181 1.00 25.50 3.85
C GLY B 181 0.01 25.09 2.79
N VAL B 182 0.49 24.41 1.74
CA VAL B 182 -0.42 23.89 0.70
C VAL B 182 -0.57 22.38 0.83
N ARG B 183 -1.79 21.93 1.10
CA ARG B 183 -2.15 20.52 1.18
C ARG B 183 -2.53 19.96 -0.19
N VAL B 184 -2.11 18.73 -0.43
CA VAL B 184 -2.37 18.06 -1.72
C VAL B 184 -2.76 16.61 -1.48
N ASN B 185 -3.97 16.24 -1.92
CA ASN B 185 -4.52 14.93 -1.67
C ASN B 185 -5.25 14.43 -2.91
N ALA B 186 -5.47 13.12 -2.97
CA ALA B 186 -6.23 12.53 -4.08
C ALA B 186 -7.36 11.67 -3.60
N LEU B 187 -8.43 11.69 -4.38
CA LEU B 187 -9.47 10.71 -4.26
C LEU B 187 -9.17 9.54 -5.19
N ALA B 188 -9.44 8.31 -4.73
CA ALA B 188 -9.33 7.11 -5.60
C ALA B 188 -10.71 6.45 -5.74
N PRO B 189 -11.57 7.03 -6.60
CA PRO B 189 -12.92 6.48 -6.73
C PRO B 189 -12.98 5.08 -7.32
N GLY B 190 -14.03 4.33 -6.96
CA GLY B 190 -14.38 3.12 -7.72
C GLY B 190 -15.19 3.56 -8.95
N TYR B 191 -16.05 2.67 -9.43
CA TYR B 191 -16.92 3.04 -10.55
C TYR B 191 -17.92 4.09 -10.08
N VAL B 192 -18.12 5.13 -10.90
CA VAL B 192 -18.98 6.25 -10.51
C VAL B 192 -20.08 6.36 -11.58
N ALA B 193 -21.31 6.55 -11.11
CA ALA B 193 -22.47 6.47 -11.97
C ALA B 193 -22.64 7.80 -12.69
N THR B 194 -21.62 8.20 -13.43
CA THR B 194 -21.74 9.36 -14.30
C THR B 194 -22.52 8.93 -15.53
N GLU B 195 -23.19 9.89 -16.16
CA GLU B 195 -23.87 9.63 -17.43
C GLU B 195 -22.99 8.72 -18.31
N MET B 196 -21.69 9.04 -18.40
CA MET B 196 -20.74 8.31 -19.22
C MET B 196 -20.47 6.85 -18.83
N THR B 197 -20.31 6.53 -17.55
CA THR B 197 -20.04 5.12 -17.21
C THR B 197 -21.34 4.29 -17.14
N LEU B 198 -22.45 4.98 -16.90
CA LEU B 198 -23.79 4.38 -16.91
C LEU B 198 -24.21 3.89 -18.30
N LYS B 199 -23.65 4.47 -19.35
CA LYS B 199 -23.93 3.97 -20.69
C LYS B 199 -23.03 2.76 -20.97
N MET B 200 -21.88 2.74 -20.28
CA MET B 200 -20.89 1.67 -20.35
C MET B 200 -21.42 0.45 -19.60
N ARG B 201 -22.54 -0.05 -20.09
CA ARG B 201 -23.54 -0.84 -19.38
C ARG B 201 -24.50 -1.42 -20.42
N GLU B 202 -24.41 -0.88 -21.64
CA GLU B 202 -24.83 -1.56 -22.85
C GLU B 202 -24.09 -2.90 -22.94
N ARG B 203 -23.08 -3.05 -22.08
CA ARG B 203 -22.24 -4.24 -22.02
C ARG B 203 -22.34 -4.95 -20.66
N PRO B 204 -23.37 -5.80 -20.49
CA PRO B 204 -23.59 -6.51 -19.23
C PRO B 204 -22.39 -7.34 -18.77
N GLU B 205 -21.66 -7.93 -19.71
CA GLU B 205 -20.47 -8.72 -19.39
C GLU B 205 -19.43 -7.94 -18.59
N LEU B 206 -19.21 -6.67 -18.97
CA LEU B 206 -18.37 -5.75 -18.19
C LEU B 206 -19.06 -5.34 -16.90
N PHE B 207 -20.26 -4.77 -17.02
CA PHE B 207 -20.93 -4.11 -15.91
C PHE B 207 -21.22 -5.05 -14.75
N GLU B 208 -21.73 -6.25 -15.04
CA GLU B 208 -22.04 -7.21 -13.99
C GLU B 208 -20.80 -7.60 -13.20
N THR B 209 -19.65 -7.71 -13.89
CA THR B 209 -18.36 -8.01 -13.21
C THR B 209 -17.94 -6.88 -12.29
N TRP B 210 -18.16 -5.63 -12.74
CA TRP B 210 -17.84 -4.46 -11.91
C TRP B 210 -18.62 -4.49 -10.61
N LEU B 211 -19.93 -4.71 -10.70
CA LEU B 211 -20.80 -4.75 -9.53
C LEU B 211 -20.41 -5.89 -8.58
N ASP B 212 -20.17 -7.07 -9.15
CA ASP B 212 -19.79 -8.28 -8.40
C ASP B 212 -18.45 -8.14 -7.68
N MET B 213 -17.56 -7.30 -8.21
CA MET B 213 -16.23 -7.01 -7.62
C MET B 213 -16.26 -5.86 -6.60
N THR B 214 -17.41 -5.22 -6.44
CA THR B 214 -17.58 -4.14 -5.50
C THR B 214 -18.37 -4.68 -4.31
N PRO B 215 -17.77 -4.68 -3.11
CA PRO B 215 -18.54 -5.17 -1.95
C PRO B 215 -19.93 -4.50 -1.75
N MET B 216 -20.05 -3.19 -1.99
CA MET B 216 -21.35 -2.51 -1.86
C MET B 216 -22.34 -2.84 -2.98
N GLY B 217 -21.84 -3.49 -4.02
CA GLY B 217 -22.71 -4.03 -5.10
C GLY B 217 -23.33 -2.96 -5.98
N ARG B 218 -22.73 -1.76 -5.94
CA ARG B 218 -23.23 -0.62 -6.71
C ARG B 218 -22.13 0.34 -7.08
N CYS B 219 -22.38 1.12 -8.13
CA CYS B 219 -21.50 2.25 -8.45
C CYS B 219 -21.71 3.35 -7.44
N GLY B 220 -20.68 4.19 -7.28
CA GLY B 220 -20.83 5.40 -6.46
C GLY B 220 -21.63 6.45 -7.22
N GLU B 221 -22.44 7.21 -6.51
CA GLU B 221 -23.10 8.33 -7.15
C GLU B 221 -22.10 9.49 -7.17
N PRO B 222 -22.13 10.34 -8.22
CA PRO B 222 -21.25 11.50 -8.27
C PRO B 222 -21.16 12.31 -6.98
N SER B 223 -22.31 12.56 -6.33
CA SER B 223 -22.31 13.29 -5.05
C SER B 223 -21.51 12.62 -3.93
N GLU B 224 -21.43 11.29 -3.95
CA GLU B 224 -20.65 10.56 -2.94
C GLU B 224 -19.17 10.80 -3.12
N ILE B 225 -18.75 10.98 -4.37
CA ILE B 225 -17.36 11.38 -4.65
C ILE B 225 -17.16 12.85 -4.28
N ALA B 226 -18.13 13.70 -4.64
CA ALA B 226 -18.02 15.15 -4.37
C ALA B 226 -17.96 15.45 -2.88
N ALA B 227 -18.72 14.69 -2.07
CA ALA B 227 -18.73 14.91 -0.64
C ALA B 227 -17.34 14.63 -0.08
N ALA B 228 -16.70 13.58 -0.58
CA ALA B 228 -15.29 13.30 -0.21
C ALA B 228 -14.33 14.39 -0.67
N ALA B 229 -14.51 14.91 -1.88
CA ALA B 229 -13.67 16.01 -2.36
C ALA B 229 -13.82 17.25 -1.48
N LEU B 230 -15.06 17.54 -1.11
CA LEU B 230 -15.37 18.63 -0.20
C LEU B 230 -14.62 18.47 1.13
N PHE B 231 -14.66 17.27 1.71
CA PHE B 231 -13.91 16.99 2.93
C PHE B 231 -12.42 17.36 2.74
N LEU B 232 -11.79 16.81 1.70
CA LEU B 232 -10.35 17.02 1.50
C LEU B 232 -10.01 18.46 1.21
N ALA B 233 -10.96 19.20 0.60
CA ALA B 233 -10.70 20.59 0.23
C ALA B 233 -10.87 21.54 1.40
N SER B 234 -11.57 21.08 2.44
CA SER B 234 -11.96 21.91 3.57
C SER B 234 -10.96 21.93 4.73
N PRO B 235 -11.16 22.87 5.68
CA PRO B 235 -10.30 22.86 6.88
C PRO B 235 -10.52 21.64 7.76
N ALA B 236 -11.61 20.90 7.56
CA ALA B 236 -11.73 19.62 8.27
C ALA B 236 -10.48 18.76 8.03
N ALA B 237 -9.92 18.86 6.83
CA ALA B 237 -8.79 18.00 6.43
C ALA B 237 -7.44 18.66 6.66
N SER B 238 -7.39 19.60 7.60
CA SER B 238 -6.19 20.38 7.87
C SER B 238 -4.91 19.59 8.22
N TYR B 239 -5.06 18.36 8.69
CA TYR B 239 -3.88 17.53 8.96
C TYR B 239 -3.71 16.40 7.95
N VAL B 240 -4.52 16.47 6.88
CA VAL B 240 -4.49 15.48 5.78
C VAL B 240 -3.69 16.03 4.58
N THR B 241 -2.53 15.42 4.29
CA THR B 241 -1.81 15.76 3.06
C THR B 241 -1.02 14.57 2.54
N GLY B 242 -0.92 14.50 1.21
CA GLY B 242 -0.33 13.33 0.55
C GLY B 242 -1.15 12.05 0.70
N ALA B 243 -2.43 12.17 1.11
CA ALA B 243 -3.27 10.98 1.29
C ALA B 243 -3.95 10.58 0.00
N ILE B 244 -4.10 9.27 -0.18
CA ILE B 244 -4.91 8.71 -1.27
C ILE B 244 -6.15 8.10 -0.62
N LEU B 245 -7.31 8.74 -0.83
CA LEU B 245 -8.53 8.33 -0.12
C LEU B 245 -9.43 7.49 -1.07
N ALA B 246 -9.62 6.21 -0.74
CA ALA B 246 -10.43 5.30 -1.58
C ALA B 246 -11.86 5.62 -1.28
N VAL B 247 -12.66 5.72 -2.35
CA VAL B 247 -14.08 5.98 -2.19
C VAL B 247 -14.59 5.06 -3.24
N ASP B 248 -14.64 3.76 -2.92
CA ASP B 248 -14.78 2.74 -3.97
C ASP B 248 -15.73 1.62 -3.59
N GLY B 249 -16.59 1.90 -2.62
CA GLY B 249 -17.59 0.90 -2.18
C GLY B 249 -16.92 -0.37 -1.69
N GLY B 250 -15.64 -0.28 -1.31
CA GLY B 250 -14.89 -1.48 -0.89
C GLY B 250 -14.11 -2.22 -1.98
N TYR B 251 -14.08 -1.67 -3.20
CA TYR B 251 -13.54 -2.40 -4.33
C TYR B 251 -12.09 -2.89 -4.04
N THR B 252 -11.26 -1.99 -3.52
CA THR B 252 -9.85 -2.32 -3.24
C THR B 252 -9.64 -3.16 -1.97
N VAL B 253 -10.72 -3.51 -1.29
CA VAL B 253 -10.64 -4.34 -0.07
C VAL B 253 -10.45 -5.81 -0.42
N TRP B 254 -11.21 -6.28 -1.42
CA TRP B 254 -11.06 -7.61 -1.94
C TRP B 254 -9.82 -7.73 -2.80
N MET C 1 12.11 -30.94 -8.72
CA MET C 1 12.33 -29.59 -8.11
C MET C 1 13.79 -29.43 -7.66
N ASP C 2 14.59 -28.83 -8.53
CA ASP C 2 16.00 -28.69 -8.31
C ASP C 2 16.28 -27.29 -7.83
N TYR C 3 16.22 -27.11 -6.51
CA TYR C 3 16.39 -25.79 -5.92
C TYR C 3 17.78 -25.22 -6.19
N ARG C 4 18.79 -26.09 -6.31
CA ARG C 4 20.16 -25.67 -6.60
C ARG C 4 20.27 -24.91 -7.93
N THR C 5 19.37 -25.19 -8.87
CA THR C 5 19.46 -24.54 -10.19
C THR C 5 18.23 -23.69 -10.58
N VAL C 6 17.27 -23.53 -9.66
CA VAL C 6 15.96 -22.95 -10.02
C VAL C 6 16.06 -21.43 -10.35
N PHE C 7 17.14 -20.81 -9.91
CA PHE C 7 17.37 -19.39 -10.17
C PHE C 7 18.19 -19.15 -11.45
N ARG C 8 18.58 -20.24 -12.14
CA ARG C 8 19.34 -20.14 -13.38
C ARG C 8 18.45 -19.77 -14.57
N LEU C 9 19.10 -19.35 -15.66
CA LEU C 9 18.44 -18.89 -16.87
C LEU C 9 18.97 -19.62 -18.11
N ASP C 10 19.63 -20.76 -17.92
CA ASP C 10 20.23 -21.49 -19.06
C ASP C 10 19.21 -21.70 -20.19
N GLY C 11 19.61 -21.40 -21.42
CA GLY C 11 18.71 -21.58 -22.56
C GLY C 11 17.71 -20.45 -22.81
N ALA C 12 17.70 -19.44 -21.95
CA ALA C 12 16.82 -18.27 -22.14
C ALA C 12 17.61 -17.15 -22.79
N CYS C 13 16.91 -16.28 -23.53
CA CYS C 13 17.49 -15.05 -23.99
C CYS C 13 16.74 -13.86 -23.40
N ALA C 14 17.50 -12.94 -22.82
CA ALA C 14 16.97 -11.73 -22.14
C ALA C 14 17.35 -10.46 -22.90
N ALA C 15 16.37 -9.62 -23.18
CA ALA C 15 16.63 -8.28 -23.70
C ALA C 15 16.68 -7.29 -22.53
N VAL C 16 17.72 -6.44 -22.50
CA VAL C 16 17.89 -5.49 -21.41
C VAL C 16 18.08 -4.09 -21.97
N THR C 17 17.16 -3.18 -21.63
CA THR C 17 17.29 -1.77 -22.01
C THR C 17 18.09 -1.05 -20.95
N GLY C 18 18.86 -0.06 -21.37
CA GLY C 18 19.78 0.60 -20.46
C GLY C 18 20.92 -0.31 -20.08
N ALA C 19 21.27 -1.22 -21.00
CA ALA C 19 22.30 -2.25 -20.73
C ALA C 19 23.70 -1.68 -20.60
N GLY C 20 23.92 -0.47 -21.10
CA GLY C 20 25.25 0.10 -21.17
C GLY C 20 25.90 0.55 -19.88
N SER C 21 25.11 0.73 -18.82
CA SER C 21 25.62 1.38 -17.62
C SER C 21 24.83 0.96 -16.40
N GLY C 22 25.40 1.20 -15.22
CA GLY C 22 24.71 1.09 -13.94
C GLY C 22 23.99 -0.21 -13.67
N ILE C 23 22.71 -0.11 -13.28
CA ILE C 23 21.95 -1.31 -12.92
C ILE C 23 21.71 -2.27 -14.10
N GLY C 24 21.43 -1.70 -15.28
CA GLY C 24 21.17 -2.54 -16.47
C GLY C 24 22.37 -3.41 -16.79
N LEU C 25 23.55 -2.82 -16.68
CA LEU C 25 24.79 -3.55 -16.95
C LEU C 25 25.06 -4.64 -15.92
N GLU C 26 24.83 -4.33 -14.64
CA GLU C 26 25.02 -5.35 -13.60
C GLU C 26 23.99 -6.47 -13.78
N ILE C 27 22.77 -6.12 -14.18
CA ILE C 27 21.79 -7.15 -14.47
C ILE C 27 22.29 -8.07 -15.58
N CYS C 28 22.89 -7.48 -16.62
CA CYS C 28 23.48 -8.25 -17.70
C CYS C 28 24.53 -9.24 -17.21
N ARG C 29 25.38 -8.78 -16.29
CA ARG C 29 26.41 -9.62 -15.69
C ARG C 29 25.83 -10.81 -14.93
N ALA C 30 24.81 -10.49 -14.12
CA ALA C 30 24.08 -11.51 -13.35
C ALA C 30 23.45 -12.56 -14.23
N PHE C 31 22.77 -12.10 -15.29
CA PHE C 31 22.04 -12.98 -16.19
C PHE C 31 23.00 -13.86 -17.01
N ALA C 32 24.07 -13.27 -17.51
CA ALA C 32 25.13 -14.00 -18.24
C ALA C 32 25.74 -15.07 -17.35
N ALA C 33 26.02 -14.72 -16.09
CA ALA C 33 26.58 -15.67 -15.11
C ALA C 33 25.60 -16.78 -14.82
N SER C 34 24.32 -16.51 -15.10
CA SER C 34 23.24 -17.47 -14.86
C SER C 34 22.79 -18.30 -16.08
N GLY C 35 23.53 -18.18 -17.19
CA GLY C 35 23.29 -18.99 -18.39
C GLY C 35 22.51 -18.34 -19.51
N ALA C 36 22.04 -17.11 -19.31
CA ALA C 36 21.25 -16.45 -20.36
C ALA C 36 22.14 -15.87 -21.44
N ARG C 37 21.59 -15.85 -22.65
CA ARG C 37 22.07 -15.01 -23.74
C ARG C 37 21.39 -13.64 -23.60
N LEU C 38 21.95 -12.63 -24.28
CA LEU C 38 21.57 -11.26 -24.05
C LEU C 38 21.38 -10.46 -25.33
N ILE C 39 20.31 -9.65 -25.35
CA ILE C 39 20.09 -8.63 -26.36
C ILE C 39 20.32 -7.32 -25.60
N LEU C 40 21.43 -6.64 -25.89
CA LEU C 40 21.76 -5.41 -25.20
C LEU C 40 21.16 -4.23 -25.94
N ILE C 41 20.44 -3.37 -25.21
CA ILE C 41 19.78 -2.19 -25.80
C ILE C 41 20.11 -0.93 -24.99
N ASP C 42 20.66 0.07 -25.67
CA ASP C 42 21.03 1.34 -25.05
C ASP C 42 21.13 2.46 -26.08
N ARG C 43 20.91 3.70 -25.66
CA ARG C 43 20.96 4.81 -26.62
C ARG C 43 22.38 5.26 -26.94
N GLU C 44 23.35 4.87 -26.11
CA GLU C 44 24.75 5.24 -26.29
C GLU C 44 25.58 4.12 -26.93
N ALA C 45 26.06 4.35 -28.16
CA ALA C 45 26.85 3.35 -28.92
C ALA C 45 28.14 2.93 -28.22
N ALA C 46 28.85 3.91 -27.64
CA ALA C 46 30.13 3.65 -27.00
C ALA C 46 29.96 2.76 -25.77
N ALA C 47 29.01 3.10 -24.91
CA ALA C 47 28.64 2.26 -23.75
C ALA C 47 28.27 0.82 -24.12
N LEU C 48 27.45 0.65 -25.15
CA LEU C 48 27.10 -0.69 -25.63
C LEU C 48 28.31 -1.54 -26.04
N ASP C 49 29.28 -0.89 -26.70
CA ASP C 49 30.49 -1.57 -27.15
C ASP C 49 31.34 -2.06 -25.98
N ARG C 50 31.48 -1.22 -24.96
CA ARG C 50 32.17 -1.59 -23.74
C ARG C 50 31.45 -2.80 -23.11
N ALA C 51 30.14 -2.66 -22.91
CA ALA C 51 29.35 -3.75 -22.35
C ALA C 51 29.52 -5.07 -23.11
N ALA C 52 29.38 -5.01 -24.44
CA ALA C 52 29.52 -6.20 -25.29
C ALA C 52 30.91 -6.84 -25.17
N GLN C 53 31.93 -6.01 -25.06
CA GLN C 53 33.31 -6.46 -24.92
C GLN C 53 33.46 -7.35 -23.69
N GLU C 54 33.01 -6.86 -22.53
CA GLU C 54 33.10 -7.61 -21.28
C GLU C 54 32.19 -8.85 -21.23
N LEU C 55 31.01 -8.76 -21.84
CA LEU C 55 30.04 -9.86 -21.78
C LEU C 55 30.31 -11.01 -22.76
N GLY C 56 31.16 -10.76 -23.75
CA GLY C 56 31.62 -11.78 -24.72
C GLY C 56 30.54 -12.65 -25.35
N ALA C 57 30.75 -13.96 -25.27
CA ALA C 57 29.87 -14.94 -25.91
C ALA C 57 28.40 -14.87 -25.50
N ALA C 58 28.13 -14.31 -24.32
CA ALA C 58 26.75 -14.21 -23.83
C ALA C 58 25.90 -13.27 -24.70
N VAL C 59 26.54 -12.39 -25.48
CA VAL C 59 25.79 -11.39 -26.26
C VAL C 59 25.30 -11.97 -27.59
N ALA C 60 23.99 -12.00 -27.76
CA ALA C 60 23.37 -12.45 -29.01
C ALA C 60 23.24 -11.30 -30.01
N ALA C 61 22.99 -10.08 -29.51
CA ALA C 61 22.92 -8.90 -30.37
C ALA C 61 23.07 -7.64 -29.50
N ARG C 62 23.54 -6.56 -30.09
CA ARG C 62 23.58 -5.27 -29.42
C ARG C 62 22.87 -4.30 -30.33
N ILE C 63 21.91 -3.56 -29.75
CA ILE C 63 21.07 -2.67 -30.53
C ILE C 63 21.15 -1.29 -29.94
N VAL C 64 21.74 -0.36 -30.70
CA VAL C 64 21.70 1.06 -30.35
C VAL C 64 20.29 1.54 -30.64
N ALA C 65 19.53 1.92 -29.61
CA ALA C 65 18.18 2.42 -29.80
C ALA C 65 17.68 3.26 -28.61
N ASP C 66 16.79 4.18 -28.91
CA ASP C 66 16.25 5.10 -27.93
C ASP C 66 14.89 4.53 -27.52
N VAL C 67 14.73 4.18 -26.24
CA VAL C 67 13.46 3.57 -25.81
C VAL C 67 12.25 4.48 -26.04
N THR C 68 12.46 5.79 -26.16
CA THR C 68 11.33 6.72 -26.38
C THR C 68 10.80 6.68 -27.80
N ASP C 69 11.53 6.02 -28.68
CA ASP C 69 11.13 5.90 -30.07
C ASP C 69 10.38 4.59 -30.28
N ALA C 70 9.04 4.66 -30.33
CA ALA C 70 8.22 3.47 -30.41
C ALA C 70 8.60 2.61 -31.61
N GLU C 71 8.69 3.23 -32.78
CA GLU C 71 9.06 2.53 -34.02
C GLU C 71 10.39 1.79 -33.87
N ALA C 72 11.37 2.41 -33.20
CA ALA C 72 12.68 1.79 -32.98
C ALA C 72 12.60 0.57 -32.04
N MET C 73 11.73 0.66 -31.02
CA MET C 73 11.48 -0.51 -30.18
C MET C 73 10.84 -1.69 -30.92
N THR C 74 9.82 -1.41 -31.72
CA THR C 74 9.20 -2.46 -32.52
C THR C 74 10.23 -3.14 -33.44
N ALA C 75 11.09 -2.34 -34.07
CA ALA C 75 12.12 -2.87 -35.00
C ALA C 75 13.17 -3.67 -34.23
N ALA C 76 13.55 -3.18 -33.05
CA ALA C 76 14.50 -3.89 -32.18
C ALA C 76 13.97 -5.28 -31.80
N ALA C 77 12.68 -5.38 -31.49
CA ALA C 77 12.10 -6.66 -31.13
C ALA C 77 12.05 -7.61 -32.32
N ALA C 78 11.75 -7.09 -33.51
CA ALA C 78 11.76 -7.92 -34.73
C ALA C 78 13.19 -8.40 -35.02
N GLU C 79 14.18 -7.52 -34.87
CA GLU C 79 15.59 -7.89 -35.06
C GLU C 79 16.01 -8.97 -34.06
N ALA C 80 15.65 -8.77 -32.79
CA ALA C 80 16.00 -9.70 -31.72
C ALA C 80 15.37 -11.06 -31.93
N GLU C 81 14.09 -11.09 -32.32
CA GLU C 81 13.41 -12.37 -32.50
C GLU C 81 14.03 -13.20 -33.64
N ALA C 82 14.63 -12.51 -34.61
CA ALA C 82 15.33 -13.17 -35.73
C ALA C 82 16.62 -13.85 -35.25
N VAL C 83 17.22 -13.27 -34.23
CA VAL C 83 18.52 -13.70 -33.70
C VAL C 83 18.42 -14.69 -32.56
N ALA C 84 17.36 -14.58 -31.76
CA ALA C 84 17.11 -15.48 -30.61
C ALA C 84 15.70 -15.23 -30.06
N PRO C 85 14.92 -16.29 -29.74
CA PRO C 85 13.63 -15.98 -29.08
C PRO C 85 13.86 -15.28 -27.72
N VAL C 86 13.25 -14.11 -27.51
CA VAL C 86 13.40 -13.34 -26.27
C VAL C 86 12.32 -13.78 -25.28
N SER C 87 12.71 -14.41 -24.18
CA SER C 87 11.74 -14.89 -23.21
C SER C 87 11.78 -14.05 -21.93
N ILE C 88 12.76 -13.15 -21.83
CA ILE C 88 12.89 -12.26 -20.66
C ILE C 88 13.14 -10.82 -21.14
N LEU C 89 12.42 -9.85 -20.59
CA LEU C 89 12.69 -8.42 -20.85
C LEU C 89 12.95 -7.71 -19.53
N VAL C 90 14.06 -6.97 -19.44
CA VAL C 90 14.36 -6.09 -18.34
C VAL C 90 14.31 -4.64 -18.84
N ASN C 91 13.40 -3.85 -18.26
CA ASN C 91 13.31 -2.43 -18.63
C ASN C 91 14.09 -1.62 -17.59
N SER C 92 15.35 -1.32 -17.87
CA SER C 92 16.19 -0.63 -16.94
C SER C 92 16.66 0.73 -17.49
N ALA C 93 16.06 1.17 -18.58
CA ALA C 93 16.34 2.48 -19.13
C ALA C 93 15.51 3.47 -18.30
N GLY C 94 16.19 4.31 -17.55
CA GLY C 94 15.48 5.35 -16.78
C GLY C 94 16.40 6.53 -16.57
N ILE C 95 15.81 7.67 -16.28
CA ILE C 95 16.57 8.87 -15.97
C ILE C 95 15.90 9.65 -14.82
N ALA C 96 16.69 10.51 -14.21
CA ALA C 96 16.21 11.32 -13.09
C ALA C 96 16.75 12.73 -13.23
N ARG C 97 15.87 13.72 -13.10
CA ARG C 97 16.28 15.13 -13.15
C ARG C 97 15.73 15.88 -11.93
N LEU C 98 16.60 16.59 -11.22
CA LEU C 98 16.16 17.43 -10.11
C LEU C 98 15.52 18.70 -10.61
N HIS C 99 14.36 19.01 -10.05
CA HIS C 99 13.64 20.24 -10.39
C HIS C 99 12.64 20.57 -9.29
N ASP C 100 12.58 21.85 -8.94
CA ASP C 100 11.56 22.31 -8.02
C ASP C 100 10.30 22.46 -8.85
N ALA C 101 9.16 22.05 -8.30
CA ALA C 101 7.93 21.97 -9.09
C ALA C 101 7.56 23.28 -9.77
N LEU C 102 7.66 24.38 -9.01
CA LEU C 102 7.24 25.68 -9.54
C LEU C 102 8.25 26.26 -10.53
N GLU C 103 9.44 25.65 -10.61
CA GLU C 103 10.49 26.10 -11.53
C GLU C 103 10.77 25.06 -12.64
N THR C 104 9.79 24.22 -12.93
CA THR C 104 9.97 23.14 -13.92
C THR C 104 9.78 23.57 -15.38
N ASP C 105 10.80 23.32 -16.19
CA ASP C 105 10.74 23.43 -17.64
C ASP C 105 9.81 22.33 -18.16
N ASP C 106 8.88 22.68 -19.04
CA ASP C 106 7.97 21.68 -19.60
C ASP C 106 8.73 20.49 -20.19
N ALA C 107 9.84 20.76 -20.87
CA ALA C 107 10.64 19.71 -21.51
C ALA C 107 11.21 18.71 -20.51
N THR C 108 11.58 19.19 -19.32
CA THR C 108 12.07 18.34 -18.23
C THR C 108 11.02 17.32 -17.78
N TRP C 109 9.81 17.81 -17.51
CA TRP C 109 8.66 16.93 -17.20
C TRP C 109 8.45 15.88 -18.32
N ARG C 110 8.37 16.35 -19.56
CA ARG C 110 8.06 15.47 -20.68
C ARG C 110 9.13 14.38 -20.89
N GLN C 111 10.40 14.75 -20.78
CA GLN C 111 11.51 13.84 -21.06
C GLN C 111 11.60 12.73 -20.03
N VAL C 112 11.50 13.09 -18.76
CA VAL C 112 11.45 12.11 -17.65
C VAL C 112 10.29 11.13 -17.86
N MET C 113 9.11 11.67 -18.13
CA MET C 113 7.95 10.81 -18.40
C MET C 113 8.15 9.94 -19.67
N ALA C 114 8.66 10.57 -20.73
CA ALA C 114 8.91 9.84 -21.99
C ALA C 114 9.82 8.62 -21.83
N VAL C 115 10.94 8.79 -21.14
CA VAL C 115 11.88 7.71 -20.99
C VAL C 115 11.37 6.68 -19.97
N ASN C 116 10.96 7.16 -18.81
CA ASN C 116 10.65 6.27 -17.66
C ASN C 116 9.37 5.46 -17.81
N VAL C 117 8.38 6.04 -18.50
CA VAL C 117 7.06 5.44 -18.61
C VAL C 117 6.78 5.05 -20.07
N ASP C 118 6.71 6.04 -20.98
CA ASP C 118 6.36 5.72 -22.36
C ASP C 118 7.34 4.69 -22.97
N GLY C 119 8.64 4.90 -22.71
CA GLY C 119 9.70 4.01 -23.24
C GLY C 119 9.51 2.60 -22.74
N MET C 120 9.10 2.49 -21.47
CA MET C 120 8.91 1.19 -20.87
C MET C 120 7.72 0.52 -21.55
N PHE C 121 6.70 1.31 -21.84
CA PHE C 121 5.57 0.74 -22.54
C PHE C 121 5.97 0.31 -23.97
N TRP C 122 6.62 1.20 -24.73
CA TRP C 122 7.02 0.82 -26.11
C TRP C 122 7.85 -0.46 -26.12
N ALA C 123 8.84 -0.56 -25.24
CA ALA C 123 9.64 -1.78 -25.17
C ALA C 123 8.81 -3.00 -24.76
N SER C 124 7.92 -2.83 -23.79
CA SER C 124 7.13 -3.93 -23.31
C SER C 124 6.18 -4.45 -24.36
N ARG C 125 5.58 -3.51 -25.11
CA ARG C 125 4.65 -3.88 -26.19
C ARG C 125 5.46 -4.63 -27.26
N ALA C 126 6.65 -4.11 -27.56
CA ALA C 126 7.47 -4.60 -28.70
C ALA C 126 7.94 -6.03 -28.44
N PHE C 127 8.63 -6.22 -27.31
CA PHE C 127 9.22 -7.50 -26.96
C PHE C 127 8.24 -8.49 -26.37
N GLY C 128 7.16 -7.96 -25.80
CA GLY C 128 6.15 -8.77 -25.18
C GLY C 128 5.26 -9.48 -26.18
N ARG C 129 5.08 -8.88 -27.36
CA ARG C 129 4.27 -9.49 -28.41
C ARG C 129 4.59 -10.96 -28.63
N ALA C 130 5.87 -11.27 -28.85
CA ALA C 130 6.28 -12.66 -29.14
C ALA C 130 6.19 -13.57 -27.90
N MET C 131 6.46 -13.00 -26.71
CA MET C 131 6.25 -13.73 -25.47
C MET C 131 4.80 -14.16 -25.32
N VAL C 132 3.90 -13.21 -25.52
CA VAL C 132 2.47 -13.50 -25.43
C VAL C 132 2.05 -14.54 -26.47
N ALA C 133 2.55 -14.43 -27.69
CA ALA C 133 2.23 -15.43 -28.72
C ALA C 133 2.68 -16.85 -28.34
N ARG C 134 3.89 -16.96 -27.80
CA ARG C 134 4.39 -18.26 -27.29
C ARG C 134 3.73 -18.71 -25.99
N GLY C 135 3.06 -17.81 -25.27
CA GLY C 135 2.43 -18.19 -24.02
C GLY C 135 3.44 -18.35 -22.89
N ALA C 136 4.57 -17.66 -23.01
CA ALA C 136 5.60 -17.72 -21.98
C ALA C 136 6.55 -16.51 -21.97
N GLY C 137 6.82 -15.95 -20.79
CA GLY C 137 7.83 -14.90 -20.70
C GLY C 137 7.90 -14.30 -19.30
N ALA C 138 8.93 -13.51 -19.04
CA ALA C 138 9.05 -12.80 -17.77
C ALA C 138 9.59 -11.42 -18.05
N ILE C 139 8.92 -10.41 -17.50
CA ILE C 139 9.36 -9.02 -17.61
C ILE C 139 9.68 -8.49 -16.21
N VAL C 140 10.83 -7.81 -16.10
CA VAL C 140 11.26 -7.15 -14.86
C VAL C 140 11.45 -5.67 -15.17
N ASN C 141 10.62 -4.86 -14.52
CA ASN C 141 10.70 -3.42 -14.67
C ASN C 141 11.43 -2.76 -13.51
N LEU C 142 12.31 -1.84 -13.85
CA LEU C 142 12.96 -1.06 -12.81
C LEU C 142 12.02 0.07 -12.34
N GLY C 143 11.26 -0.22 -11.30
CA GLY C 143 10.51 0.84 -10.59
C GLY C 143 11.45 1.57 -9.65
N SER C 144 10.96 1.93 -8.46
CA SER C 144 11.76 2.69 -7.49
C SER C 144 11.00 2.80 -6.20
N MET C 145 11.71 2.99 -5.10
CA MET C 145 10.99 3.40 -3.87
C MET C 145 10.25 4.72 -4.15
N SER C 146 10.67 5.43 -5.19
CA SER C 146 10.04 6.71 -5.55
C SER C 146 8.69 6.49 -6.20
N GLY C 147 8.37 5.24 -6.49
CA GLY C 147 7.00 4.89 -6.95
C GLY C 147 6.06 4.67 -5.80
N THR C 148 6.60 4.61 -4.59
CA THR C 148 5.84 4.27 -3.38
C THR C 148 5.77 5.46 -2.41
N ILE C 149 6.93 6.09 -2.20
CA ILE C 149 7.11 7.24 -1.33
C ILE C 149 7.71 8.40 -2.14
N VAL C 150 8.01 9.52 -1.47
CA VAL C 150 8.67 10.66 -2.08
C VAL C 150 10.00 10.87 -1.39
N ASN C 151 11.05 10.99 -2.19
CA ASN C 151 12.40 11.23 -1.64
C ASN C 151 12.50 12.57 -0.89
N ARG C 152 13.50 12.68 -0.03
CA ARG C 152 13.75 13.94 0.65
C ARG C 152 15.26 14.05 0.85
N PRO C 153 15.80 15.26 0.89
CA PRO C 153 15.12 16.57 0.78
C PRO C 153 14.99 17.11 -0.63
N GLN C 154 15.63 16.47 -1.63
CA GLN C 154 15.65 16.91 -3.02
C GLN C 154 14.27 16.79 -3.65
N PHE C 155 13.98 17.66 -4.60
CA PHE C 155 12.67 17.59 -5.31
C PHE C 155 12.86 17.16 -6.76
N ALA C 156 11.96 16.28 -7.23
CA ALA C 156 12.02 15.69 -8.59
C ALA C 156 10.66 15.10 -8.87
N SER C 157 9.65 15.94 -8.95
CA SER C 157 8.28 15.43 -8.93
C SER C 157 7.96 14.58 -10.18
N SER C 158 8.60 14.88 -11.32
CA SER C 158 8.45 14.04 -12.50
C SER C 158 8.94 12.61 -12.27
N TYR C 159 10.03 12.47 -11.50
CA TYR C 159 10.56 11.13 -11.22
C TYR C 159 9.54 10.35 -10.38
N MET C 160 8.99 11.02 -9.37
CA MET C 160 8.04 10.35 -8.49
C MET C 160 6.81 9.90 -9.30
N ALA C 161 6.27 10.82 -10.09
CA ALA C 161 5.10 10.53 -10.93
C ALA C 161 5.43 9.38 -11.91
N SER C 162 6.62 9.41 -12.51
CA SER C 162 6.96 8.42 -13.55
C SER C 162 7.02 7.02 -12.91
N LYS C 163 7.49 6.96 -11.66
CA LYS C 163 7.69 5.69 -10.98
C LYS C 163 6.37 5.13 -10.44
N GLY C 164 5.46 6.02 -10.05
CA GLY C 164 4.07 5.61 -9.81
C GLY C 164 3.47 4.96 -11.06
N ALA C 165 3.67 5.61 -12.21
CA ALA C 165 3.21 5.03 -13.46
C ALA C 165 3.90 3.67 -13.76
N VAL C 166 5.21 3.56 -13.51
CA VAL C 166 5.91 2.29 -13.77
C VAL C 166 5.31 1.15 -12.95
N HIS C 167 5.07 1.41 -11.67
CA HIS C 167 4.50 0.36 -10.81
C HIS C 167 3.13 -0.07 -11.33
N GLN C 168 2.29 0.87 -11.71
CA GLN C 168 0.96 0.52 -12.22
C GLN C 168 0.96 -0.11 -13.62
N LEU C 169 1.90 0.33 -14.46
CA LEU C 169 2.09 -0.27 -15.79
C LEU C 169 2.43 -1.76 -15.62
N THR C 170 3.35 -2.03 -14.69
CA THR C 170 3.81 -3.36 -14.36
C THR C 170 2.59 -4.25 -14.07
N ARG C 171 1.74 -3.74 -13.18
CA ARG C 171 0.59 -4.45 -12.71
C ARG C 171 -0.47 -4.63 -13.80
N ALA C 172 -0.66 -3.58 -14.62
CA ALA C 172 -1.66 -3.64 -15.70
C ALA C 172 -1.27 -4.74 -16.69
N LEU C 173 0.00 -4.78 -17.05
CA LEU C 173 0.45 -5.83 -17.97
C LEU C 173 0.46 -7.21 -17.34
N ALA C 174 0.82 -7.26 -16.04
CA ALA C 174 0.70 -8.51 -15.27
C ALA C 174 -0.70 -9.07 -15.41
N ALA C 175 -1.72 -8.24 -15.21
CA ALA C 175 -3.12 -8.68 -15.23
C ALA C 175 -3.57 -9.08 -16.62
N GLU C 176 -3.18 -8.29 -17.62
CA GLU C 176 -3.58 -8.52 -19.00
C GLU C 176 -2.99 -9.80 -19.59
N TRP C 177 -1.75 -10.11 -19.22
CA TRP C 177 -0.99 -11.21 -19.82
C TRP C 177 -0.84 -12.47 -18.94
N ALA C 178 -1.29 -12.39 -17.69
CA ALA C 178 -1.21 -13.56 -16.77
C ALA C 178 -1.79 -14.85 -17.37
N GLY C 179 -2.96 -14.74 -18.00
CA GLY C 179 -3.61 -15.92 -18.60
C GLY C 179 -2.87 -16.49 -19.80
N ARG C 180 -1.94 -15.71 -20.35
CA ARG C 180 -1.12 -16.11 -21.48
C ARG C 180 0.31 -16.33 -21.07
N GLY C 181 0.51 -16.55 -19.78
CA GLY C 181 1.76 -17.07 -19.27
C GLY C 181 2.94 -16.13 -19.25
N VAL C 182 2.69 -14.82 -19.33
CA VAL C 182 3.78 -13.84 -19.23
C VAL C 182 3.71 -13.12 -17.87
N ARG C 183 4.76 -13.25 -17.06
CA ARG C 183 4.82 -12.60 -15.75
C ARG C 183 5.47 -11.22 -15.90
N VAL C 184 4.95 -10.25 -15.16
CA VAL C 184 5.50 -8.88 -15.20
C VAL C 184 5.59 -8.36 -13.77
N ASN C 185 6.80 -8.04 -13.32
CA ASN C 185 7.03 -7.62 -11.94
C ASN C 185 7.97 -6.42 -11.92
N ALA C 186 8.00 -5.70 -10.79
CA ALA C 186 8.91 -4.55 -10.67
C ALA C 186 9.78 -4.62 -9.44
N LEU C 187 11.03 -4.18 -9.58
CA LEU C 187 11.83 -3.83 -8.44
C LEU C 187 11.59 -2.38 -8.01
N ALA C 188 11.55 -2.14 -6.70
CA ALA C 188 11.50 -0.76 -6.20
C ALA C 188 12.76 -0.49 -5.39
N PRO C 189 13.87 -0.16 -6.05
CA PRO C 189 15.11 0.01 -5.28
C PRO C 189 15.16 1.26 -4.43
N GLY C 190 15.94 1.20 -3.36
CA GLY C 190 16.31 2.38 -2.60
C GLY C 190 17.44 3.09 -3.35
N TYR C 191 18.23 3.87 -2.60
CA TYR C 191 19.44 4.48 -3.15
C TYR C 191 20.45 3.40 -3.53
N VAL C 192 20.93 3.46 -4.77
CA VAL C 192 21.93 2.53 -5.26
C VAL C 192 23.16 3.31 -5.68
N ALA C 193 24.33 2.81 -5.32
CA ALA C 193 25.59 3.47 -5.66
C ALA C 193 25.88 3.36 -7.17
N THR C 194 25.26 4.25 -7.94
CA THR C 194 25.51 4.38 -9.37
C THR C 194 25.91 5.82 -9.71
N GLU C 195 26.06 6.08 -11.01
CA GLU C 195 26.26 7.43 -11.56
C GLU C 195 25.06 8.33 -11.23
N MET C 196 23.90 8.00 -11.78
CA MET C 196 22.64 8.69 -11.44
C MET C 196 22.72 9.31 -10.05
N THR C 197 23.28 8.55 -9.10
CA THR C 197 23.19 8.81 -7.67
C THR C 197 24.42 9.46 -7.03
N LEU C 198 25.61 8.90 -7.25
CA LEU C 198 26.84 9.41 -6.58
C LEU C 198 27.19 10.83 -7.03
N LYS C 199 26.66 11.23 -8.19
CA LYS C 199 26.74 12.61 -8.67
C LYS C 199 25.89 13.60 -7.87
N MET C 200 25.23 13.12 -6.81
CA MET C 200 24.41 13.99 -5.97
C MET C 200 24.96 14.13 -4.54
N ARG C 201 26.20 14.57 -4.42
CA ARG C 201 26.80 14.81 -3.10
C ARG C 201 27.72 16.03 -2.85
N GLU C 202 27.93 17.00 -3.76
CA GLU C 202 27.11 17.45 -4.91
C GLU C 202 25.72 17.87 -4.40
N ARG C 203 25.77 18.69 -3.35
CA ARG C 203 24.68 18.99 -2.40
C ARG C 203 24.85 18.14 -1.14
N PRO C 204 25.72 18.58 -0.20
CA PRO C 204 26.21 17.75 0.92
C PRO C 204 25.16 17.41 1.98
N GLU C 205 24.06 18.17 2.03
CA GLU C 205 22.93 17.84 2.90
C GLU C 205 22.30 16.50 2.47
N LEU C 206 22.27 16.25 1.16
CA LEU C 206 21.55 15.09 0.58
C LEU C 206 21.94 13.72 1.14
N PHE C 207 23.18 13.30 0.92
CA PHE C 207 23.64 11.97 1.35
C PHE C 207 23.43 11.65 2.82
N GLU C 208 23.72 12.59 3.70
CA GLU C 208 23.57 12.34 5.13
C GLU C 208 22.10 12.07 5.50
N THR C 209 21.19 12.80 4.87
CA THR C 209 19.74 12.61 5.07
C THR C 209 19.35 11.23 4.59
N TRP C 210 19.77 10.89 3.37
CA TRP C 210 19.46 9.62 2.72
C TRP C 210 19.79 8.43 3.57
N LEU C 211 21.00 8.43 4.13
CA LEU C 211 21.50 7.35 4.97
C LEU C 211 20.80 7.33 6.31
N ASP C 212 20.46 8.50 6.85
CA ASP C 212 19.76 8.58 8.12
C ASP C 212 18.34 8.02 7.95
N MET C 213 17.84 8.11 6.74
CA MET C 213 16.48 7.67 6.36
C MET C 213 16.41 6.20 5.92
N THR C 214 17.56 5.54 5.93
CA THR C 214 17.70 4.13 5.54
C THR C 214 18.06 3.24 6.74
N PRO C 215 17.14 2.35 7.17
CA PRO C 215 17.44 1.48 8.31
C PRO C 215 18.83 0.77 8.23
N MET C 216 19.19 0.25 7.07
CA MET C 216 20.49 -0.41 6.91
C MET C 216 21.66 0.58 6.94
N GLY C 217 21.34 1.87 6.79
CA GLY C 217 22.35 2.95 6.91
C GLY C 217 23.38 2.98 5.80
N ARG C 218 23.03 2.49 4.61
CA ARG C 218 23.96 2.48 3.47
C ARG C 218 23.18 2.45 2.16
N CYS C 219 23.83 2.85 1.06
CA CYS C 219 23.27 2.62 -0.26
C CYS C 219 23.35 1.13 -0.60
N GLY C 220 22.47 0.67 -1.46
CA GLY C 220 22.63 -0.67 -2.03
C GLY C 220 23.70 -0.67 -3.10
N GLU C 221 24.26 -1.85 -3.35
CA GLU C 221 25.18 -2.03 -4.47
C GLU C 221 24.37 -2.52 -5.65
N PRO C 222 24.76 -2.15 -6.88
CA PRO C 222 24.02 -2.64 -8.06
C PRO C 222 23.83 -4.15 -8.08
N SER C 223 24.84 -4.89 -7.60
CA SER C 223 24.75 -6.36 -7.54
C SER C 223 23.58 -6.84 -6.68
N GLU C 224 23.24 -6.04 -5.67
CA GLU C 224 22.13 -6.39 -4.78
C GLU C 224 20.78 -6.19 -5.49
N ILE C 225 20.72 -5.21 -6.38
CA ILE C 225 19.51 -5.00 -7.20
C ILE C 225 19.46 -6.08 -8.29
N ALA C 226 20.62 -6.35 -8.92
CA ALA C 226 20.70 -7.39 -9.96
C ALA C 226 20.30 -8.80 -9.47
N ALA C 227 20.69 -9.15 -8.25
CA ALA C 227 20.34 -10.47 -7.69
C ALA C 227 18.82 -10.59 -7.54
N ALA C 228 18.18 -9.49 -7.16
CA ALA C 228 16.72 -9.47 -7.04
C ALA C 228 16.03 -9.55 -8.40
N ALA C 229 16.57 -8.83 -9.40
CA ALA C 229 16.09 -8.93 -10.78
C ALA C 229 16.22 -10.37 -11.28
N LEU C 230 17.33 -11.00 -10.96
CA LEU C 230 17.55 -12.41 -11.33
C LEU C 230 16.48 -13.35 -10.74
N PHE C 231 16.20 -13.20 -9.45
CA PHE C 231 15.07 -13.88 -8.84
C PHE C 231 13.79 -13.70 -9.66
N LEU C 232 13.34 -12.46 -9.88
CA LEU C 232 12.05 -12.20 -10.59
C LEU C 232 12.03 -12.69 -12.03
N ALA C 233 13.19 -12.66 -12.70
CA ALA C 233 13.32 -13.14 -14.09
C ALA C 233 13.29 -14.67 -14.21
N SER C 234 13.60 -15.36 -13.12
CA SER C 234 13.84 -16.80 -13.16
C SER C 234 12.62 -17.62 -12.85
N PRO C 235 12.69 -18.94 -13.13
CA PRO C 235 11.55 -19.79 -12.83
C PRO C 235 11.24 -19.90 -11.33
N ALA C 236 12.19 -19.52 -10.47
CA ALA C 236 11.91 -19.46 -9.04
C ALA C 236 10.71 -18.55 -8.72
N ALA C 237 10.49 -17.52 -9.53
CA ALA C 237 9.40 -16.57 -9.30
C ALA C 237 8.15 -16.93 -10.11
N SER C 238 7.97 -18.21 -10.41
CA SER C 238 6.83 -18.64 -11.27
C SER C 238 5.41 -18.32 -10.77
N TYR C 239 5.23 -18.13 -9.45
CA TYR C 239 3.93 -17.67 -8.93
C TYR C 239 3.91 -16.19 -8.52
N VAL C 240 4.92 -15.46 -8.97
CA VAL C 240 5.03 -14.01 -8.71
C VAL C 240 4.74 -13.23 -9.99
N THR C 241 3.64 -12.49 -9.96
CA THR C 241 3.32 -11.57 -11.03
C THR C 241 2.56 -10.34 -10.49
N GLY C 242 2.89 -9.18 -11.05
CA GLY C 242 2.35 -7.88 -10.59
C GLY C 242 2.87 -7.44 -9.23
N ALA C 243 3.93 -8.08 -8.76
CA ALA C 243 4.54 -7.71 -7.47
C ALA C 243 5.44 -6.51 -7.62
N ILE C 244 5.44 -5.66 -6.61
CA ILE C 244 6.39 -4.58 -6.51
C ILE C 244 7.29 -5.00 -5.35
N LEU C 245 8.52 -5.34 -5.67
CA LEU C 245 9.48 -5.82 -4.67
C LEU C 245 10.42 -4.72 -4.16
N ALA C 246 10.25 -4.30 -2.90
CA ALA C 246 11.11 -3.30 -2.27
C ALA C 246 12.48 -3.89 -2.08
N VAL C 247 13.50 -3.20 -2.59
CA VAL C 247 14.88 -3.62 -2.37
C VAL C 247 15.56 -2.32 -1.97
N ASP C 248 15.34 -1.89 -0.72
CA ASP C 248 15.63 -0.51 -0.35
C ASP C 248 16.24 -0.34 1.02
N GLY C 249 16.82 -1.42 1.55
CA GLY C 249 17.49 -1.36 2.84
C GLY C 249 16.53 -0.97 3.96
N GLY C 250 15.23 -1.14 3.70
CA GLY C 250 14.22 -0.80 4.72
C GLY C 250 13.69 0.62 4.60
N TYR C 251 14.06 1.35 3.55
CA TYR C 251 13.73 2.79 3.47
C TYR C 251 12.22 3.05 3.62
N THR C 252 11.44 2.24 2.93
CA THR C 252 9.99 2.39 2.95
C THR C 252 9.31 1.77 4.19
N VAL C 253 10.09 1.25 5.14
CA VAL C 253 9.54 0.74 6.40
C VAL C 253 9.23 1.88 7.36
N TRP C 254 10.11 2.87 7.39
CA TRP C 254 9.93 4.02 8.26
C TRP C 254 9.00 5.03 7.60
N MET D 1 -28.33 17.06 -2.14
CA MET D 1 -27.88 15.86 -1.37
C MET D 1 -28.41 15.86 0.09
N ASP D 2 -28.45 16.99 0.80
CA ASP D 2 -27.84 18.24 0.38
C ASP D 2 -26.55 18.46 1.18
N TYR D 3 -25.60 19.18 0.59
CA TYR D 3 -24.25 19.29 1.13
C TYR D 3 -24.15 20.08 2.46
N ARG D 4 -25.15 20.91 2.74
CA ARG D 4 -25.13 21.73 3.95
C ARG D 4 -25.31 20.88 5.20
N THR D 5 -25.93 19.71 5.04
CA THR D 5 -26.23 18.82 6.18
C THR D 5 -25.62 17.41 6.05
N VAL D 6 -24.87 17.19 4.97
CA VAL D 6 -24.37 15.84 4.69
C VAL D 6 -23.33 15.36 5.72
N PHE D 7 -22.70 16.29 6.42
CA PHE D 7 -21.72 15.97 7.44
C PHE D 7 -22.33 15.88 8.85
N ARG D 8 -23.63 16.12 8.97
CA ARG D 8 -24.27 16.10 10.29
C ARG D 8 -24.71 14.68 10.69
N LEU D 9 -25.01 14.50 11.98
CA LEU D 9 -25.40 13.20 12.55
C LEU D 9 -26.72 13.32 13.33
N ASP D 10 -27.52 14.36 13.06
CA ASP D 10 -28.80 14.53 13.75
C ASP D 10 -29.61 13.24 13.68
N GLY D 11 -30.11 12.80 14.84
CA GLY D 11 -30.95 11.61 14.91
C GLY D 11 -30.18 10.30 14.95
N ALA D 12 -28.85 10.38 15.08
CA ALA D 12 -28.01 9.21 15.23
C ALA D 12 -27.53 9.12 16.67
N CYS D 13 -27.26 7.90 17.11
CA CYS D 13 -26.64 7.69 18.40
C CYS D 13 -25.34 6.94 18.18
N ALA D 14 -24.27 7.52 18.70
CA ALA D 14 -22.93 6.95 18.54
C ALA D 14 -22.34 6.50 19.88
N ALA D 15 -21.77 5.29 19.88
CA ALA D 15 -21.02 4.74 21.01
C ALA D 15 -19.55 5.00 20.72
N VAL D 16 -18.84 5.59 21.70
CA VAL D 16 -17.41 5.90 21.56
C VAL D 16 -16.63 5.28 22.72
N THR D 17 -15.72 4.36 22.39
CA THR D 17 -14.76 3.83 23.35
C THR D 17 -13.61 4.82 23.54
N GLY D 18 -12.98 4.75 24.72
CA GLY D 18 -11.95 5.71 25.13
C GLY D 18 -12.45 7.13 25.14
N ALA D 19 -13.69 7.33 25.59
CA ALA D 19 -14.36 8.62 25.49
C ALA D 19 -13.96 9.67 26.53
N GLY D 20 -13.21 9.28 27.56
CA GLY D 20 -12.92 10.18 28.69
C GLY D 20 -11.79 11.16 28.48
N SER D 21 -10.93 10.88 27.51
CA SER D 21 -9.77 11.71 27.28
C SER D 21 -9.33 11.67 25.82
N GLY D 22 -8.36 12.52 25.49
CA GLY D 22 -7.67 12.53 24.21
C GLY D 22 -8.58 12.56 23.00
N ILE D 23 -8.26 11.71 22.02
CA ILE D 23 -8.99 11.67 20.75
C ILE D 23 -10.44 11.26 20.93
N GLY D 24 -10.69 10.27 21.78
CA GLY D 24 -12.04 9.76 22.01
C GLY D 24 -12.94 10.89 22.49
N LEU D 25 -12.43 11.68 23.42
CA LEU D 25 -13.18 12.80 23.97
C LEU D 25 -13.41 13.88 22.91
N GLU D 26 -12.37 14.23 22.15
CA GLU D 26 -12.53 15.23 21.07
C GLU D 26 -13.55 14.81 20.03
N ILE D 27 -13.58 13.52 19.69
CA ILE D 27 -14.62 12.94 18.81
C ILE D 27 -16.03 13.07 19.40
N CYS D 28 -16.16 12.83 20.70
CA CYS D 28 -17.44 13.03 21.37
C CYS D 28 -17.92 14.47 21.20
N ARG D 29 -17.02 15.44 21.38
CA ARG D 29 -17.33 16.86 21.18
C ARG D 29 -17.78 17.14 19.74
N ALA D 30 -17.02 16.57 18.79
CA ALA D 30 -17.34 16.72 17.36
C ALA D 30 -18.71 16.15 17.05
N PHE D 31 -19.00 14.97 17.58
CA PHE D 31 -20.24 14.27 17.25
C PHE D 31 -21.44 15.00 17.90
N ALA D 32 -21.24 15.47 19.14
CA ALA D 32 -22.25 16.27 19.86
C ALA D 32 -22.56 17.57 19.13
N ALA D 33 -21.52 18.27 18.69
CA ALA D 33 -21.69 19.51 17.93
C ALA D 33 -22.42 19.26 16.61
N SER D 34 -22.40 18.01 16.15
CA SER D 34 -23.05 17.60 14.89
C SER D 34 -24.41 16.95 15.04
N GLY D 35 -24.97 17.01 16.25
CA GLY D 35 -26.35 16.55 16.47
C GLY D 35 -26.51 15.13 16.96
N ALA D 36 -25.40 14.44 17.21
CA ALA D 36 -25.47 13.04 17.64
C ALA D 36 -25.78 12.99 19.13
N ARG D 37 -26.43 11.91 19.55
CA ARG D 37 -26.41 11.50 20.96
C ARG D 37 -25.31 10.45 21.19
N LEU D 38 -24.84 10.32 22.43
CA LEU D 38 -23.59 9.62 22.73
C LEU D 38 -23.73 8.56 23.81
N ILE D 39 -23.13 7.40 23.56
CA ILE D 39 -22.87 6.42 24.58
C ILE D 39 -21.38 6.54 24.86
N LEU D 40 -21.03 7.06 26.04
CA LEU D 40 -19.63 7.21 26.46
C LEU D 40 -19.13 5.92 27.11
N ILE D 41 -18.04 5.37 26.58
CA ILE D 41 -17.48 4.12 27.09
C ILE D 41 -16.02 4.32 27.45
N ASP D 42 -15.70 4.03 28.71
CA ASP D 42 -14.31 4.07 29.18
C ASP D 42 -14.17 3.17 30.44
N ARG D 43 -12.96 3.09 31.00
CA ARG D 43 -12.67 2.08 32.03
C ARG D 43 -12.95 2.52 33.50
N GLU D 44 -12.74 3.81 33.79
CA GLU D 44 -13.11 4.45 35.10
C GLU D 44 -13.49 5.94 34.92
N ALA D 45 -14.47 6.42 35.71
CA ALA D 45 -14.96 7.82 35.65
C ALA D 45 -14.48 8.62 36.86
N ALA D 46 -13.98 9.84 36.67
CA ALA D 46 -13.98 10.59 35.42
C ALA D 46 -12.55 10.85 34.98
N ALA D 47 -12.24 10.77 33.68
CA ALA D 47 -13.07 10.19 32.60
C ALA D 47 -14.47 10.75 32.37
N LEU D 48 -15.44 9.87 32.57
CA LEU D 48 -16.76 10.03 31.99
C LEU D 48 -17.62 11.11 32.64
N ASP D 49 -17.41 11.35 33.93
CA ASP D 49 -18.14 12.40 34.64
C ASP D 49 -17.84 13.77 34.11
N ARG D 50 -16.56 14.10 34.06
CA ARG D 50 -16.13 15.38 33.56
C ARG D 50 -16.47 15.52 32.08
N ALA D 51 -16.44 14.39 31.35
CA ALA D 51 -16.96 14.34 29.97
C ALA D 51 -18.47 14.62 29.88
N ALA D 52 -19.23 14.14 30.85
CA ALA D 52 -20.68 14.39 30.89
C ALA D 52 -21.03 15.80 31.33
N GLN D 53 -20.22 16.37 32.23
CA GLN D 53 -20.46 17.74 32.70
C GLN D 53 -20.25 18.70 31.54
N GLU D 54 -19.36 18.30 30.64
CA GLU D 54 -19.01 19.04 29.45
C GLU D 54 -20.07 18.85 28.36
N LEU D 55 -20.28 17.61 27.94
CA LEU D 55 -21.14 17.29 26.79
C LEU D 55 -22.65 17.50 26.99
N GLY D 56 -23.05 17.78 28.24
CA GLY D 56 -24.44 18.13 28.55
C GLY D 56 -25.49 17.16 28.06
N ALA D 57 -26.55 17.69 27.44
CA ALA D 57 -27.70 16.89 27.02
C ALA D 57 -27.39 15.83 25.96
N ALA D 58 -26.23 15.95 25.31
CA ALA D 58 -25.83 15.00 24.25
C ALA D 58 -25.64 13.56 24.73
N VAL D 59 -25.26 13.38 26.00
CA VAL D 59 -24.97 12.07 26.55
C VAL D 59 -26.25 11.26 26.81
N ALA D 60 -26.42 10.14 26.10
CA ALA D 60 -27.53 9.22 26.31
C ALA D 60 -27.24 8.24 27.45
N ALA D 61 -26.05 7.65 27.44
CA ALA D 61 -25.62 6.74 28.52
C ALA D 61 -24.11 6.80 28.71
N ARG D 62 -23.67 6.54 29.93
CA ARG D 62 -22.25 6.39 30.20
C ARG D 62 -22.03 4.98 30.70
N ILE D 63 -21.18 4.24 29.99
CA ILE D 63 -20.93 2.83 30.30
C ILE D 63 -19.46 2.61 30.64
N VAL D 64 -19.25 2.00 31.80
CA VAL D 64 -17.90 1.76 32.29
C VAL D 64 -17.65 0.29 32.02
N ALA D 65 -16.61 0.06 31.21
CA ALA D 65 -16.26 -1.30 30.83
C ALA D 65 -14.86 -1.36 30.27
N ASP D 66 -14.35 -2.58 30.27
CA ASP D 66 -13.03 -2.85 29.75
C ASP D 66 -13.21 -3.45 28.37
N VAL D 67 -12.69 -2.76 27.36
CA VAL D 67 -12.80 -3.28 26.01
C VAL D 67 -12.16 -4.67 25.87
N THR D 68 -11.23 -5.03 26.77
CA THR D 68 -10.55 -6.34 26.71
C THR D 68 -11.44 -7.48 27.20
N ASP D 69 -12.55 -7.13 27.85
CA ASP D 69 -13.44 -8.12 28.41
C ASP D 69 -14.62 -8.30 27.47
N ALA D 70 -14.61 -9.42 26.74
CA ALA D 70 -15.60 -9.69 25.68
C ALA D 70 -17.03 -9.72 26.20
N GLU D 71 -17.21 -10.15 27.45
CA GLU D 71 -18.53 -10.08 28.10
C GLU D 71 -18.96 -8.65 28.45
N ALA D 72 -18.03 -7.81 28.88
CA ALA D 72 -18.34 -6.44 29.23
C ALA D 72 -18.76 -5.64 27.99
N MET D 73 -18.19 -6.00 26.84
CA MET D 73 -18.59 -5.39 25.56
C MET D 73 -19.95 -5.86 25.07
N THR D 74 -20.19 -7.16 25.08
CA THR D 74 -21.51 -7.71 24.75
C THR D 74 -22.61 -7.07 25.60
N ALA D 75 -22.42 -7.08 26.92
CA ALA D 75 -23.29 -6.37 27.87
C ALA D 75 -23.44 -4.87 27.57
N ALA D 76 -22.32 -4.19 27.28
CA ALA D 76 -22.33 -2.77 26.98
C ALA D 76 -23.20 -2.41 25.78
N ALA D 77 -23.17 -3.24 24.74
CA ALA D 77 -24.01 -3.00 23.56
C ALA D 77 -25.48 -3.14 23.92
N ALA D 78 -25.77 -4.20 24.67
CA ALA D 78 -27.14 -4.48 25.16
C ALA D 78 -27.73 -3.35 25.98
N GLU D 79 -26.94 -2.80 26.92
CA GLU D 79 -27.32 -1.64 27.70
C GLU D 79 -27.57 -0.43 26.82
N ALA D 80 -26.63 -0.15 25.91
CA ALA D 80 -26.80 0.96 24.98
C ALA D 80 -28.06 0.81 24.12
N GLU D 81 -28.32 -0.41 23.64
CA GLU D 81 -29.47 -0.70 22.78
C GLU D 81 -30.81 -0.52 23.51
N ALA D 82 -30.77 -0.66 24.83
CA ALA D 82 -31.94 -0.41 25.68
C ALA D 82 -32.29 1.08 25.79
N VAL D 83 -31.30 1.95 25.64
CA VAL D 83 -31.49 3.40 25.71
C VAL D 83 -31.80 3.97 24.31
N ALA D 84 -31.21 3.37 23.29
CA ALA D 84 -31.26 3.94 21.93
C ALA D 84 -30.58 3.04 20.91
N PRO D 85 -31.14 2.94 19.68
CA PRO D 85 -30.39 2.15 18.71
C PRO D 85 -29.05 2.88 18.40
N VAL D 86 -27.95 2.15 18.44
CA VAL D 86 -26.64 2.70 18.18
C VAL D 86 -26.35 2.53 16.69
N SER D 87 -26.22 3.64 15.97
CA SER D 87 -25.97 3.53 14.52
C SER D 87 -24.51 3.80 14.15
N ILE D 88 -23.75 4.31 15.12
CA ILE D 88 -22.32 4.62 14.92
C ILE D 88 -21.47 4.06 16.06
N LEU D 89 -20.34 3.45 15.72
CA LEU D 89 -19.35 3.03 16.75
C LEU D 89 -17.98 3.62 16.42
N VAL D 90 -17.34 4.20 17.41
CA VAL D 90 -15.97 4.71 17.27
C VAL D 90 -15.10 3.95 18.26
N ASN D 91 -14.17 3.15 17.73
CA ASN D 91 -13.21 2.44 18.56
C ASN D 91 -11.99 3.28 18.77
N SER D 92 -12.02 4.09 19.81
CA SER D 92 -10.89 4.95 20.10
C SER D 92 -10.11 4.55 21.35
N ALA D 93 -10.38 3.37 21.92
CA ALA D 93 -9.56 2.91 23.04
C ALA D 93 -8.27 2.43 22.43
N GLY D 94 -7.15 2.75 23.04
CA GLY D 94 -5.88 2.28 22.50
C GLY D 94 -4.79 2.55 23.48
N ILE D 95 -3.77 1.71 23.50
CA ILE D 95 -2.62 2.00 24.35
C ILE D 95 -1.35 1.78 23.56
N ALA D 96 -0.27 2.38 24.03
CA ALA D 96 1.05 2.18 23.46
C ALA D 96 2.01 1.98 24.62
N ARG D 97 2.84 0.94 24.53
CA ARG D 97 3.91 0.68 25.50
C ARG D 97 5.20 0.64 24.72
N LEU D 98 6.22 1.34 25.21
CA LEU D 98 7.56 1.25 24.65
C LEU D 98 8.22 -0.03 25.16
N HIS D 99 8.86 -0.78 24.26
CA HIS D 99 9.62 -1.96 24.66
C HIS D 99 10.52 -2.34 23.51
N ASP D 100 11.76 -2.68 23.83
CA ASP D 100 12.62 -3.28 22.85
C ASP D 100 12.24 -4.74 22.72
N ALA D 101 12.33 -5.25 21.49
CA ALA D 101 11.87 -6.61 21.19
C ALA D 101 12.53 -7.62 22.10
N LEU D 102 13.84 -7.50 22.29
CA LEU D 102 14.55 -8.44 23.14
C LEU D 102 14.42 -8.17 24.66
N GLU D 103 13.75 -7.08 25.05
CA GLU D 103 13.41 -6.85 26.46
C GLU D 103 11.92 -6.92 26.66
N THR D 104 11.22 -7.68 25.84
CA THR D 104 9.77 -7.72 25.92
C THR D 104 9.31 -8.82 26.85
N ASP D 105 8.48 -8.44 27.81
CA ASP D 105 7.82 -9.42 28.66
C ASP D 105 6.48 -9.83 28.05
N ASP D 106 6.13 -11.10 28.17
CA ASP D 106 4.97 -11.67 27.47
C ASP D 106 3.69 -10.88 27.72
N ALA D 107 3.45 -10.52 28.98
CA ALA D 107 2.22 -9.79 29.34
C ALA D 107 2.09 -8.40 28.68
N THR D 108 3.22 -7.71 28.45
CA THR D 108 3.26 -6.43 27.70
C THR D 108 2.70 -6.59 26.30
N TRP D 109 3.20 -7.61 25.59
CA TRP D 109 2.78 -7.91 24.24
C TRP D 109 1.29 -8.25 24.23
N ARG D 110 0.88 -9.09 25.16
CA ARG D 110 -0.49 -9.58 25.16
C ARG D 110 -1.45 -8.46 25.47
N GLN D 111 -1.04 -7.54 26.35
CA GLN D 111 -1.93 -6.44 26.76
C GLN D 111 -2.16 -5.45 25.65
N VAL D 112 -1.10 -5.07 24.96
CA VAL D 112 -1.25 -4.13 23.84
C VAL D 112 -2.18 -4.71 22.78
N MET D 113 -1.96 -5.98 22.44
CA MET D 113 -2.80 -6.67 21.45
C MET D 113 -4.22 -6.80 21.95
N ALA D 114 -4.40 -7.04 23.26
CA ALA D 114 -5.74 -7.18 23.82
C ALA D 114 -6.56 -5.90 23.81
N VAL D 115 -5.96 -4.74 24.12
CA VAL D 115 -6.65 -3.45 24.08
C VAL D 115 -6.88 -3.06 22.62
N ASN D 116 -5.81 -3.08 21.84
CA ASN D 116 -5.82 -2.47 20.50
C ASN D 116 -6.55 -3.26 19.44
N VAL D 117 -6.51 -4.58 19.52
CA VAL D 117 -7.05 -5.49 18.49
C VAL D 117 -8.23 -6.28 19.02
N ASP D 118 -7.99 -7.05 20.09
CA ASP D 118 -9.04 -7.95 20.59
C ASP D 118 -10.24 -7.10 21.01
N GLY D 119 -9.96 -6.05 21.75
CA GLY D 119 -10.93 -5.10 22.30
C GLY D 119 -11.76 -4.46 21.21
N MET D 120 -11.09 -4.12 20.11
CA MET D 120 -11.77 -3.56 18.93
C MET D 120 -12.70 -4.59 18.31
N PHE D 121 -12.26 -5.84 18.24
CA PHE D 121 -13.11 -6.89 17.72
C PHE D 121 -14.33 -7.14 18.64
N TRP D 122 -14.09 -7.25 19.95
CA TRP D 122 -15.22 -7.44 20.90
C TRP D 122 -16.23 -6.29 20.81
N ALA D 123 -15.75 -5.06 20.78
CA ALA D 123 -16.67 -3.90 20.64
C ALA D 123 -17.44 -3.91 19.29
N SER D 124 -16.71 -4.14 18.19
CA SER D 124 -17.33 -4.23 16.86
C SER D 124 -18.32 -5.36 16.74
N ARG D 125 -17.96 -6.53 17.26
CA ARG D 125 -18.91 -7.65 17.25
C ARG D 125 -20.17 -7.30 18.04
N ALA D 126 -19.98 -6.75 19.22
CA ALA D 126 -21.11 -6.47 20.13
C ALA D 126 -22.05 -5.38 19.60
N PHE D 127 -21.51 -4.19 19.31
CA PHE D 127 -22.28 -3.09 18.76
C PHE D 127 -22.68 -3.29 17.30
N GLY D 128 -21.88 -4.06 16.56
CA GLY D 128 -22.17 -4.36 15.16
C GLY D 128 -23.41 -5.21 14.98
N ARG D 129 -23.70 -6.06 15.96
CA ARG D 129 -24.83 -6.97 15.85
C ARG D 129 -26.14 -6.24 15.51
N ALA D 130 -26.48 -5.20 16.26
CA ALA D 130 -27.79 -4.53 16.08
C ALA D 130 -27.79 -3.73 14.78
N MET D 131 -26.62 -3.22 14.42
CA MET D 131 -26.41 -2.46 13.16
C MET D 131 -26.66 -3.34 11.95
N VAL D 132 -26.10 -4.54 11.97
CA VAL D 132 -26.27 -5.51 10.89
C VAL D 132 -27.73 -5.95 10.80
N ALA D 133 -28.38 -6.11 11.95
CA ALA D 133 -29.81 -6.46 11.99
C ALA D 133 -30.66 -5.32 11.43
N ARG D 134 -30.28 -4.08 11.73
CA ARG D 134 -30.99 -2.93 11.21
C ARG D 134 -30.62 -2.55 9.77
N GLY D 135 -29.60 -3.20 9.20
CA GLY D 135 -29.12 -2.89 7.84
C GLY D 135 -28.55 -1.49 7.67
N ALA D 136 -28.05 -0.90 8.75
CA ALA D 136 -27.43 0.42 8.72
C ALA D 136 -26.48 0.61 9.89
N GLY D 137 -25.32 1.19 9.58
CA GLY D 137 -24.33 1.47 10.62
C GLY D 137 -23.06 2.03 10.03
N ALA D 138 -22.24 2.61 10.89
CA ALA D 138 -20.94 3.14 10.49
C ALA D 138 -20.03 2.95 11.68
N ILE D 139 -18.84 2.42 11.40
CA ILE D 139 -17.85 2.14 12.43
C ILE D 139 -16.59 2.84 11.97
N VAL D 140 -15.95 3.57 12.89
CA VAL D 140 -14.71 4.27 12.61
C VAL D 140 -13.72 3.73 13.65
N ASN D 141 -12.68 3.07 13.15
CA ASN D 141 -11.60 2.55 13.98
C ASN D 141 -10.42 3.49 13.99
N LEU D 142 -9.85 3.68 15.18
CA LEU D 142 -8.62 4.42 15.29
C LEU D 142 -7.49 3.46 15.00
N GLY D 143 -7.05 3.48 13.74
CA GLY D 143 -5.79 2.84 13.34
C GLY D 143 -4.63 3.76 13.69
N SER D 144 -3.62 3.78 12.84
CA SER D 144 -2.45 4.62 13.09
C SER D 144 -1.58 4.55 11.86
N MET D 145 -0.78 5.59 11.64
CA MET D 145 0.35 5.48 10.73
C MET D 145 1.21 4.23 11.08
N SER D 146 1.14 3.82 12.36
CA SER D 146 1.88 2.66 12.87
C SER D 146 1.38 1.34 12.33
N GLY D 147 0.25 1.39 11.62
CA GLY D 147 -0.27 0.20 10.96
C GLY D 147 0.22 0.10 9.52
N THR D 148 0.89 1.17 9.06
CA THR D 148 1.42 1.29 7.70
C THR D 148 2.95 1.31 7.67
N ILE D 149 3.53 2.14 8.53
CA ILE D 149 5.00 2.25 8.70
C ILE D 149 5.39 1.92 10.14
N VAL D 150 6.68 2.05 10.46
CA VAL D 150 7.21 1.80 11.80
C VAL D 150 7.80 3.11 12.34
N ASN D 151 7.42 3.51 13.56
CA ASN D 151 7.86 4.77 14.16
C ASN D 151 9.36 4.75 14.40
N ARG D 152 9.92 5.94 14.58
CA ARG D 152 11.33 6.05 14.98
C ARG D 152 11.47 7.32 15.83
N PRO D 153 12.49 7.35 16.73
CA PRO D 153 13.47 6.29 17.01
C PRO D 153 13.04 5.23 18.02
N GLN D 154 11.92 5.46 18.71
CA GLN D 154 11.43 4.54 19.75
C GLN D 154 10.98 3.18 19.21
N PHE D 155 11.09 2.15 20.04
CA PHE D 155 10.60 0.82 19.68
C PHE D 155 9.35 0.42 20.45
N ALA D 156 8.42 -0.18 19.72
CA ALA D 156 7.15 -0.64 20.26
C ALA D 156 6.56 -1.60 19.27
N SER D 157 7.19 -2.76 19.08
CA SER D 157 6.75 -3.68 18.04
C SER D 157 5.31 -4.15 18.23
N SER D 158 4.86 -4.28 19.49
CA SER D 158 3.46 -4.69 19.71
C SER D 158 2.47 -3.64 19.19
N TYR D 159 2.84 -2.37 19.24
CA TYR D 159 1.94 -1.31 18.77
C TYR D 159 1.81 -1.40 17.24
N MET D 160 2.93 -1.51 16.54
CA MET D 160 2.93 -1.71 15.07
C MET D 160 2.11 -2.93 14.65
N ALA D 161 2.43 -4.09 15.23
CA ALA D 161 1.67 -5.29 14.92
C ALA D 161 0.17 -5.07 15.18
N SER D 162 -0.15 -4.49 16.34
CA SER D 162 -1.58 -4.30 16.71
C SER D 162 -2.32 -3.42 15.70
N LYS D 163 -1.62 -2.40 15.23
CA LYS D 163 -2.17 -1.45 14.27
C LYS D 163 -2.30 -2.01 12.84
N GLY D 164 -1.33 -2.86 12.42
CA GLY D 164 -1.53 -3.68 11.20
C GLY D 164 -2.80 -4.51 11.34
N ALA D 165 -2.99 -5.12 12.52
CA ALA D 165 -4.22 -5.94 12.73
C ALA D 165 -5.49 -5.08 12.64
N VAL D 166 -5.44 -3.87 13.23
CA VAL D 166 -6.60 -2.92 13.21
C VAL D 166 -6.98 -2.59 11.77
N HIS D 167 -5.97 -2.31 10.95
CA HIS D 167 -6.24 -1.98 9.52
C HIS D 167 -6.87 -3.15 8.80
N GLN D 168 -6.32 -4.35 8.99
CA GLN D 168 -6.94 -5.50 8.38
C GLN D 168 -8.29 -5.90 8.99
N LEU D 169 -8.47 -5.79 10.30
CA LEU D 169 -9.79 -6.07 10.92
C LEU D 169 -10.86 -5.17 10.32
N THR D 170 -10.55 -3.87 10.26
CA THR D 170 -11.42 -2.82 9.68
C THR D 170 -11.90 -3.30 8.30
N ARG D 171 -10.93 -3.68 7.48
CA ARG D 171 -11.19 -4.17 6.11
C ARG D 171 -12.00 -5.45 6.04
N ALA D 172 -11.66 -6.42 6.90
CA ALA D 172 -12.41 -7.67 6.98
C ALA D 172 -13.89 -7.44 7.28
N LEU D 173 -14.16 -6.61 8.29
CA LEU D 173 -15.53 -6.30 8.68
C LEU D 173 -16.23 -5.45 7.62
N ALA D 174 -15.50 -4.53 7.00
CA ALA D 174 -16.09 -3.81 5.82
C ALA D 174 -16.59 -4.80 4.74
N ALA D 175 -15.75 -5.76 4.38
CA ALA D 175 -16.12 -6.75 3.36
C ALA D 175 -17.31 -7.60 3.80
N GLU D 176 -17.29 -8.00 5.07
CA GLU D 176 -18.30 -8.92 5.58
C GLU D 176 -19.67 -8.30 5.67
N TRP D 177 -19.72 -7.03 6.07
CA TRP D 177 -20.96 -6.35 6.34
C TRP D 177 -21.38 -5.34 5.26
N ALA D 178 -20.67 -5.31 4.13
CA ALA D 178 -20.98 -4.33 3.08
C ALA D 178 -22.43 -4.51 2.61
N GLY D 179 -22.80 -5.77 2.44
CA GLY D 179 -24.13 -6.15 1.95
C GLY D 179 -25.23 -5.92 2.95
N ARG D 180 -24.87 -5.52 4.16
CA ARG D 180 -25.88 -5.38 5.22
C ARG D 180 -25.86 -3.96 5.74
N GLY D 181 -25.28 -3.11 4.89
CA GLY D 181 -25.32 -1.66 5.04
C GLY D 181 -24.53 -1.07 6.18
N VAL D 182 -23.51 -1.78 6.68
CA VAL D 182 -22.65 -1.22 7.71
C VAL D 182 -21.27 -0.91 7.12
N ARG D 183 -20.89 0.36 7.15
CA ARG D 183 -19.58 0.74 6.61
C ARG D 183 -18.59 0.62 7.75
N VAL D 184 -17.34 0.25 7.43
CA VAL D 184 -16.29 0.14 8.44
C VAL D 184 -15.01 0.75 7.86
N ASN D 185 -14.51 1.78 8.50
CA ASN D 185 -13.31 2.47 8.03
C ASN D 185 -12.38 2.76 9.18
N ALA D 186 -11.13 3.06 8.85
CA ALA D 186 -10.13 3.43 9.88
C ALA D 186 -9.45 4.71 9.53
N LEU D 187 -9.16 5.48 10.59
CA LEU D 187 -8.24 6.59 10.50
C LEU D 187 -6.81 6.07 10.78
N ALA D 188 -5.79 6.64 10.13
CA ALA D 188 -4.39 6.34 10.42
C ALA D 188 -3.64 7.63 10.79
N PRO D 189 -3.78 8.06 12.05
CA PRO D 189 -3.22 9.32 12.50
C PRO D 189 -1.72 9.27 12.61
N GLY D 190 -1.07 10.40 12.36
CA GLY D 190 0.32 10.67 12.71
C GLY D 190 0.32 11.00 14.20
N TYR D 191 1.34 11.70 14.67
CA TYR D 191 1.43 12.07 16.06
C TYR D 191 0.38 13.12 16.37
N VAL D 192 -0.33 12.92 17.48
CA VAL D 192 -1.43 13.80 17.82
C VAL D 192 -1.15 14.44 19.17
N ALA D 193 -1.44 15.74 19.26
CA ALA D 193 -1.13 16.54 20.42
C ALA D 193 -2.14 16.31 21.56
N THR D 194 -2.27 15.06 21.98
CA THR D 194 -3.03 14.75 23.18
C THR D 194 -2.12 15.04 24.35
N GLU D 195 -2.70 15.18 25.54
CA GLU D 195 -1.89 15.48 26.74
C GLU D 195 -0.81 14.44 26.87
N MET D 196 -1.18 13.18 26.67
CA MET D 196 -0.23 12.07 26.71
C MET D 196 0.98 12.33 25.80
N THR D 197 0.76 12.57 24.51
CA THR D 197 1.90 12.76 23.61
C THR D 197 2.59 14.13 23.72
N LEU D 198 1.87 15.13 24.22
CA LEU D 198 2.49 16.40 24.58
C LEU D 198 3.52 16.29 25.73
N LYS D 199 3.38 15.27 26.57
CA LYS D 199 4.37 15.01 27.65
C LYS D 199 5.74 14.61 27.08
N MET D 200 5.79 14.26 25.80
CA MET D 200 7.04 13.82 25.16
C MET D 200 7.99 14.94 24.70
N ARG D 201 7.68 16.17 25.07
CA ARG D 201 8.33 17.40 24.55
C ARG D 201 9.78 17.89 24.87
N GLU D 202 10.35 17.81 26.08
CA GLU D 202 10.13 16.91 27.24
C GLU D 202 11.11 15.72 27.09
N ARG D 203 10.96 14.94 26.02
CA ARG D 203 12.02 14.07 25.50
C ARG D 203 12.34 14.48 24.06
N PRO D 204 13.15 15.55 23.89
CA PRO D 204 13.45 16.04 22.53
C PRO D 204 14.25 15.07 21.66
N GLU D 205 14.95 14.11 22.26
CA GLU D 205 15.60 13.07 21.43
C GLU D 205 14.55 12.24 20.67
N LEU D 206 13.30 12.33 21.13
CA LEU D 206 12.17 11.75 20.45
C LEU D 206 11.44 12.85 19.66
N PHE D 207 11.00 13.90 20.36
CA PHE D 207 10.03 14.85 19.80
C PHE D 207 10.53 15.56 18.56
N GLU D 208 11.78 16.01 18.58
CA GLU D 208 12.33 16.72 17.44
C GLU D 208 12.46 15.84 16.19
N THR D 209 12.79 14.55 16.37
CA THR D 209 12.79 13.55 15.29
C THR D 209 11.37 13.37 14.72
N TRP D 210 10.39 13.26 15.60
CA TRP D 210 8.99 13.12 15.18
C TRP D 210 8.57 14.25 14.24
N LEU D 211 8.85 15.48 14.66
CA LEU D 211 8.53 16.66 13.84
C LEU D 211 9.37 16.70 12.56
N ASP D 212 10.67 16.34 12.64
CA ASP D 212 11.50 16.34 11.44
C ASP D 212 11.02 15.34 10.37
N MET D 213 10.38 14.26 10.81
CA MET D 213 9.87 13.21 9.93
C MET D 213 8.43 13.51 9.46
N THR D 214 7.87 14.65 9.87
CA THR D 214 6.49 15.01 9.47
C THR D 214 6.58 16.22 8.52
N PRO D 215 6.16 16.06 7.24
CA PRO D 215 6.25 17.17 6.28
C PRO D 215 5.63 18.49 6.80
N MET D 216 4.49 18.40 7.49
CA MET D 216 3.86 19.59 8.07
C MET D 216 4.62 20.18 9.26
N GLY D 217 5.56 19.42 9.83
CA GLY D 217 6.43 19.99 10.86
C GLY D 217 5.79 20.18 12.24
N ARG D 218 4.66 19.53 12.48
CA ARG D 218 3.91 19.67 13.74
C ARG D 218 3.05 18.42 13.99
N CYS D 219 2.63 18.19 15.24
CA CYS D 219 1.69 17.11 15.50
C CYS D 219 0.32 17.61 15.08
N GLY D 220 -0.61 16.70 14.90
CA GLY D 220 -1.98 17.11 14.63
C GLY D 220 -2.70 17.47 15.93
N GLU D 221 -3.64 18.39 15.86
CA GLU D 221 -4.51 18.70 17.02
C GLU D 221 -5.59 17.60 17.10
N PRO D 222 -6.05 17.26 18.33
CA PRO D 222 -7.12 16.25 18.43
C PRO D 222 -8.34 16.57 17.57
N SER D 223 -8.64 17.86 17.38
CA SER D 223 -9.79 18.24 16.54
C SER D 223 -9.58 17.88 15.06
N GLU D 224 -8.33 17.78 14.63
CA GLU D 224 -8.04 17.46 13.24
C GLU D 224 -8.30 15.99 12.96
N ILE D 225 -8.14 15.16 14.00
CA ILE D 225 -8.45 13.75 13.94
C ILE D 225 -9.97 13.60 14.03
N ALA D 226 -10.59 14.37 14.93
CA ALA D 226 -12.03 14.22 15.16
C ALA D 226 -12.86 14.64 13.93
N ALA D 227 -12.40 15.66 13.22
CA ALA D 227 -13.09 16.15 12.01
C ALA D 227 -13.05 15.06 10.95
N ALA D 228 -11.92 14.36 10.86
CA ALA D 228 -11.82 13.22 9.96
C ALA D 228 -12.67 12.01 10.36
N ALA D 229 -12.80 11.75 11.66
CA ALA D 229 -13.69 10.70 12.15
C ALA D 229 -15.14 11.06 11.83
N LEU D 230 -15.45 12.34 11.98
CA LEU D 230 -16.81 12.84 11.75
C LEU D 230 -17.19 12.61 10.27
N PHE D 231 -16.27 12.97 9.40
CA PHE D 231 -16.42 12.65 7.98
C PHE D 231 -16.75 11.18 7.75
N LEU D 232 -15.94 10.27 8.27
CA LEU D 232 -16.14 8.85 8.05
C LEU D 232 -17.44 8.32 8.67
N ALA D 233 -17.87 8.94 9.78
CA ALA D 233 -19.06 8.48 10.48
C ALA D 233 -20.32 8.97 9.81
N SER D 234 -20.20 10.07 9.07
CA SER D 234 -21.32 10.81 8.48
C SER D 234 -21.80 10.26 7.11
N PRO D 235 -23.03 10.65 6.68
CA PRO D 235 -23.50 10.22 5.36
C PRO D 235 -22.62 10.71 4.19
N ALA D 236 -21.74 11.69 4.44
CA ALA D 236 -20.79 12.18 3.43
C ALA D 236 -19.87 11.09 2.92
N ALA D 237 -19.58 10.12 3.80
CA ALA D 237 -18.74 8.97 3.45
C ALA D 237 -19.55 7.74 3.00
N SER D 238 -20.77 7.93 2.47
CA SER D 238 -21.60 6.76 2.14
C SER D 238 -21.05 5.78 1.08
N TYR D 239 -20.07 6.19 0.29
CA TYR D 239 -19.46 5.21 -0.59
C TYR D 239 -18.06 4.80 -0.14
N VAL D 240 -17.71 5.17 1.09
CA VAL D 240 -16.38 4.88 1.66
C VAL D 240 -16.50 3.73 2.65
N THR D 241 -15.88 2.61 2.30
CA THR D 241 -15.82 1.45 3.22
C THR D 241 -14.54 0.63 3.00
N GLY D 242 -13.95 0.16 4.10
CA GLY D 242 -12.68 -0.59 4.05
C GLY D 242 -11.49 0.31 3.76
N ALA D 243 -11.71 1.62 3.91
CA ALA D 243 -10.67 2.62 3.66
C ALA D 243 -9.82 2.86 4.89
N ILE D 244 -8.52 3.02 4.65
CA ILE D 244 -7.60 3.51 5.65
C ILE D 244 -7.21 4.95 5.31
N LEU D 245 -7.74 5.90 6.06
CA LEU D 245 -7.45 7.32 5.78
C LEU D 245 -6.28 7.85 6.59
N ALA D 246 -5.19 8.14 5.90
CA ALA D 246 -4.04 8.80 6.55
C ALA D 246 -4.37 10.23 6.97
N VAL D 247 -4.12 10.54 8.25
CA VAL D 247 -4.24 11.91 8.78
C VAL D 247 -2.99 12.17 9.60
N ASP D 248 -1.91 12.44 8.88
CA ASP D 248 -0.60 12.29 9.50
C ASP D 248 0.36 13.39 9.12
N GLY D 249 -0.19 14.51 8.64
CA GLY D 249 0.61 15.65 8.22
C GLY D 249 1.60 15.29 7.14
N GLY D 250 1.31 14.22 6.39
CA GLY D 250 2.18 13.70 5.31
C GLY D 250 3.26 12.70 5.78
N TYR D 251 3.20 12.25 7.04
CA TYR D 251 4.27 11.40 7.62
C TYR D 251 4.61 10.20 6.70
N THR D 252 3.56 9.56 6.19
CA THR D 252 3.75 8.34 5.41
C THR D 252 4.03 8.59 3.93
N VAL D 253 4.16 9.85 3.55
CA VAL D 253 4.49 10.19 2.17
C VAL D 253 6.00 10.06 1.93
N TRP D 254 6.78 10.40 2.95
CA TRP D 254 8.22 10.29 2.85
C TRP D 254 8.60 8.85 3.15
#